data_4H3K
#
_entry.id   4H3K
#
_cell.length_a   67.583
_cell.length_b   97.364
_cell.length_c   105.278
_cell.angle_alpha   90.00
_cell.angle_beta   97.86
_cell.angle_gamma   90.00
#
_symmetry.space_group_name_H-M   'P 1 21 1'
#
loop_
_entity.id
_entity.type
_entity.pdbx_description
1 polymer Symplekin
2 polymer 'RNA polymerase II subunit A C-terminal domain phosphatase SSU72'
3 polymer Hexapeptide
4 non-polymer 'PHOSPHATE ION'
5 water water
#
loop_
_entity_poly.entity_id
_entity_poly.type
_entity_poly.pdbx_seq_one_letter_code
_entity_poly.pdbx_strand_id
1 'polypeptide(L)'
;MGSSHHHHHHSSGLVPRGSHMTTSERVVDLLNQAALITNDSKITVLKQVQELIINKDPTLLDNFLDEIIAFQADKSIEVR
KFVIGFIEEACKRDIELLLKLIANLNMLLRDENVNVVKKAILTMTQLYKVALQWMVKSRVISELQEACWDMVSAMAGDII
LLLDSDNDGIRTHAIKFVEGLIVTLSPRMADSEIPRRQEHDISLDRIPRDHPYIQYNVLWEEGKAALEQLLKFMVHPAIS
SINLTTALGSLANIARQRPMFMSEVIQAYETLHANLPPTLAKSQVSSVRKNLKLHLLSVLKHPASLEFQAQITTLLVDLG
TPQAEIARNMPSSKDTRKRPRDDSDSTLKKM
;
A,D
2 'polypeptide(L)'
;MGSSHHHHHHSSGLVPRGSHMPSSPLRVAVVSSSNQNRSMEAHNILSKRGFSVRSFGTGTHVKLPGPAPDKPNVYDFKTT
YDQMYNDLLRKDKELYTQNGILHMLDRNKRIKPRPERFQNCKDLFDLILTCEERVYDQVVEDLNSREQETCQPVHVVNVD
IQDNHEEATLGAFLICELCQCIQHTEDMENEIDELLQEFEEKSGRTFLHTVCFY
;
B,E
3 'polypeptide(L)' SY(SEP)PT(SEP)P(SEP)YS F
#
# COMPACT_ATOMS: atom_id res chain seq x y z
N VAL A 15 -41.53 -29.17 31.53
CA VAL A 15 -40.77 -30.07 32.44
C VAL A 15 -41.71 -30.95 33.27
N PRO A 16 -41.88 -32.23 32.88
CA PRO A 16 -42.69 -33.16 33.68
C PRO A 16 -42.20 -33.25 35.15
N ARG A 17 -43.16 -33.28 36.09
CA ARG A 17 -42.94 -33.13 37.54
C ARG A 17 -41.94 -32.04 37.96
N GLY A 18 -41.80 -31.02 37.10
CA GLY A 18 -40.97 -29.85 37.37
C GLY A 18 -41.43 -29.15 38.65
N SER A 19 -42.73 -29.27 38.94
CA SER A 19 -43.34 -28.67 40.11
C SER A 19 -42.94 -29.33 41.44
N HIS A 20 -42.39 -30.55 41.38
CA HIS A 20 -41.94 -31.26 42.59
C HIS A 20 -40.42 -31.17 42.88
N MET A 21 -39.67 -30.61 41.94
CA MET A 21 -38.22 -30.48 42.09
C MET A 21 -37.90 -29.21 42.88
N THR A 22 -36.81 -29.25 43.64
CA THR A 22 -36.19 -27.97 44.05
C THR A 22 -35.44 -27.43 42.84
N THR A 23 -35.25 -26.12 42.77
CA THR A 23 -34.55 -25.50 41.67
C THR A 23 -33.10 -25.99 41.60
N SER A 24 -32.46 -26.02 42.77
CA SER A 24 -31.12 -26.55 42.96
C SER A 24 -30.93 -27.96 42.33
N GLU A 25 -31.85 -28.88 42.64
CA GLU A 25 -31.79 -30.22 42.06
C GLU A 25 -31.84 -30.19 40.56
N ARG A 26 -32.73 -29.38 40.05
CA ARG A 26 -32.92 -29.26 38.62
C ARG A 26 -31.64 -28.68 37.94
N VAL A 27 -31.01 -27.73 38.62
CA VAL A 27 -29.74 -27.19 38.14
C VAL A 27 -28.66 -28.28 38.11
N VAL A 28 -28.51 -29.05 39.18
CA VAL A 28 -27.55 -30.15 39.22
C VAL A 28 -27.77 -31.16 38.09
N ASP A 29 -29.01 -31.63 37.94
CA ASP A 29 -29.39 -32.52 36.82
C ASP A 29 -29.02 -31.93 35.46
N LEU A 30 -29.39 -30.68 35.21
CA LEU A 30 -29.03 -30.00 33.94
C LEU A 30 -27.52 -29.89 33.69
N LEU A 31 -26.75 -29.56 34.74
CA LEU A 31 -25.29 -29.50 34.63
C LEU A 31 -24.65 -30.86 34.27
N ASN A 32 -25.16 -31.93 34.87
CA ASN A 32 -24.71 -33.29 34.51
C ASN A 32 -25.17 -33.67 33.10
N GLN A 33 -26.34 -33.18 32.71
CA GLN A 33 -26.82 -33.36 31.35
C GLN A 33 -25.89 -32.68 30.34
N ALA A 34 -25.55 -31.40 30.57
CA ALA A 34 -24.67 -30.65 29.68
C ALA A 34 -23.31 -31.34 29.55
N ALA A 35 -22.74 -31.76 30.69
CA ALA A 35 -21.55 -32.62 30.72
C ALA A 35 -21.58 -33.75 29.71
N LEU A 36 -22.77 -34.33 29.49
CA LEU A 36 -22.95 -35.50 28.62
C LEU A 36 -23.01 -35.15 27.14
N ILE A 37 -23.47 -33.93 26.85
CA ILE A 37 -23.66 -33.47 25.49
C ILE A 37 -22.34 -32.99 24.89
N THR A 38 -21.97 -33.58 23.74
CA THR A 38 -20.65 -33.38 23.15
C THR A 38 -20.66 -32.37 21.98
N ASN A 39 -21.74 -31.62 21.83
CA ASN A 39 -21.88 -30.66 20.72
C ASN A 39 -22.48 -29.34 21.20
N ASP A 40 -22.74 -28.42 20.27
CA ASP A 40 -23.19 -27.07 20.66
C ASP A 40 -24.58 -27.02 21.24
N SER A 41 -25.32 -28.13 21.17
CA SER A 41 -26.65 -28.14 21.75
C SER A 41 -26.61 -28.11 23.29
N LYS A 42 -25.43 -28.33 23.86
CA LYS A 42 -25.24 -28.20 25.30
C LYS A 42 -25.54 -26.76 25.75
N ILE A 43 -25.43 -25.81 24.82
CA ILE A 43 -25.74 -24.41 25.10
C ILE A 43 -27.20 -24.19 25.54
N THR A 44 -28.13 -24.84 24.84
CA THR A 44 -29.54 -24.83 25.24
C THR A 44 -29.70 -25.20 26.73
N VAL A 45 -29.07 -26.30 27.14
CA VAL A 45 -29.13 -26.72 28.55
C VAL A 45 -28.50 -25.65 29.45
N LEU A 46 -27.34 -25.15 29.05
CA LEU A 46 -26.57 -24.21 29.88
C LEU A 46 -27.34 -22.92 30.04
N LYS A 47 -28.05 -22.52 28.99
CA LYS A 47 -28.90 -21.30 29.05
C LYS A 47 -30.09 -21.49 29.95
N GLN A 48 -30.58 -22.73 30.05
CA GLN A 48 -31.63 -23.01 30.99
C GLN A 48 -31.07 -22.84 32.40
N VAL A 49 -29.89 -23.41 32.68
CA VAL A 49 -29.26 -23.23 33.98
C VAL A 49 -29.16 -21.72 34.29
N GLN A 50 -28.71 -20.94 33.31
CA GLN A 50 -28.54 -19.50 33.50
C GLN A 50 -29.84 -18.87 33.96
N GLU A 51 -30.93 -19.17 33.27
CA GLU A 51 -32.23 -18.64 33.68
C GLU A 51 -32.59 -19.00 35.14
N LEU A 52 -32.35 -20.27 35.50
CA LEU A 52 -32.65 -20.74 36.85
C LEU A 52 -31.85 -20.02 37.94
N ILE A 53 -30.55 -19.83 37.71
CA ILE A 53 -29.68 -19.28 38.78
C ILE A 53 -29.50 -17.75 38.75
N ILE A 54 -29.84 -17.13 37.63
CA ILE A 54 -29.77 -15.68 37.54
C ILE A 54 -31.13 -15.01 37.74
N ASN A 55 -32.17 -15.61 37.18
CA ASN A 55 -33.52 -15.03 37.22
C ASN A 55 -34.51 -15.70 38.16
N LYS A 56 -34.70 -17.00 37.98
CA LYS A 56 -35.70 -17.65 38.82
C LYS A 56 -35.32 -17.61 40.32
N ASP A 57 -34.08 -17.98 40.64
CA ASP A 57 -33.62 -17.93 42.02
C ASP A 57 -32.15 -17.48 42.13
N PRO A 58 -31.93 -16.15 42.14
CA PRO A 58 -30.60 -15.54 42.22
C PRO A 58 -29.80 -15.96 43.45
N THR A 59 -30.44 -16.57 44.45
CA THR A 59 -29.68 -17.01 45.64
C THR A 59 -28.79 -18.22 45.34
N LEU A 60 -29.06 -18.88 44.23
CA LEU A 60 -28.25 -20.02 43.78
C LEU A 60 -27.07 -19.59 42.86
N LEU A 61 -27.04 -18.32 42.48
CA LEU A 61 -25.99 -17.84 41.55
C LEU A 61 -24.57 -18.17 42.04
N ASP A 62 -24.26 -17.80 43.28
CA ASP A 62 -22.95 -18.10 43.88
C ASP A 62 -22.62 -19.57 43.96
N ASN A 63 -23.58 -20.37 44.42
CA ASN A 63 -23.42 -21.82 44.56
C ASN A 63 -22.97 -22.51 43.27
N PHE A 64 -23.47 -22.05 42.12
CA PHE A 64 -23.22 -22.72 40.83
C PHE A 64 -22.27 -22.01 39.87
N LEU A 65 -21.79 -20.84 40.29
CA LEU A 65 -20.92 -20.04 39.46
C LEU A 65 -19.75 -20.82 38.89
N ASP A 66 -19.03 -21.57 39.71
CA ASP A 66 -17.81 -22.23 39.24
C ASP A 66 -18.07 -23.30 38.21
N GLU A 67 -19.23 -23.96 38.31
CA GLU A 67 -19.64 -25.01 37.38
C GLU A 67 -19.96 -24.48 36.00
N ILE A 68 -20.52 -23.27 35.92
CA ILE A 68 -20.78 -22.64 34.63
C ILE A 68 -19.49 -22.06 34.07
N ILE A 69 -18.71 -21.42 34.95
CA ILE A 69 -17.48 -20.77 34.55
C ILE A 69 -16.47 -21.79 34.05
N ALA A 70 -16.54 -23.03 34.54
CA ALA A 70 -15.68 -24.12 34.07
C ALA A 70 -15.75 -24.32 32.54
N PHE A 71 -16.89 -23.98 31.94
CA PHE A 71 -17.05 -24.16 30.50
C PHE A 71 -16.21 -23.16 29.67
N GLN A 72 -15.53 -22.24 30.36
CA GLN A 72 -14.68 -21.26 29.68
C GLN A 72 -13.55 -21.98 28.94
N ALA A 73 -13.29 -23.25 29.29
CA ALA A 73 -12.23 -24.06 28.67
C ALA A 73 -12.81 -24.99 27.62
N ASP A 74 -14.11 -24.90 27.37
CA ASP A 74 -14.68 -25.69 26.29
C ASP A 74 -14.01 -25.31 24.97
N LYS A 75 -13.79 -26.34 24.14
CA LYS A 75 -13.18 -26.16 22.82
C LYS A 75 -14.09 -25.39 21.87
N SER A 76 -15.39 -25.41 22.13
CA SER A 76 -16.34 -24.74 21.24
C SER A 76 -16.34 -23.23 21.40
N ILE A 77 -16.31 -22.55 20.26
CA ILE A 77 -16.33 -21.11 20.17
C ILE A 77 -17.61 -20.58 20.76
N GLU A 78 -18.68 -21.27 20.41
CA GLU A 78 -20.00 -20.84 20.81
C GLU A 78 -20.21 -21.06 22.30
N VAL A 79 -19.56 -22.08 22.85
CA VAL A 79 -19.65 -22.30 24.30
C VAL A 79 -18.93 -21.16 25.05
N ARG A 80 -17.72 -20.83 24.60
CA ARG A 80 -16.93 -19.78 25.26
C ARG A 80 -17.66 -18.45 25.20
N LYS A 81 -18.32 -18.18 24.08
CA LYS A 81 -19.13 -16.97 23.92
C LYS A 81 -20.32 -17.00 24.86
N PHE A 82 -20.97 -18.15 24.98
CA PHE A 82 -22.02 -18.24 25.99
C PHE A 82 -21.49 -17.87 27.39
N VAL A 83 -20.32 -18.38 27.79
CA VAL A 83 -19.78 -18.07 29.13
C VAL A 83 -19.65 -16.55 29.32
N ILE A 84 -19.15 -15.85 28.30
CA ILE A 84 -18.98 -14.38 28.36
C ILE A 84 -20.34 -13.71 28.57
N GLY A 85 -21.32 -14.14 27.78
CA GLY A 85 -22.68 -13.65 27.96
C GLY A 85 -23.20 -13.95 29.36
N PHE A 86 -22.77 -15.07 29.94
CA PHE A 86 -23.23 -15.45 31.28
C PHE A 86 -22.56 -14.56 32.35
N ILE A 87 -21.27 -14.34 32.17
CA ILE A 87 -20.54 -13.40 33.01
C ILE A 87 -21.25 -12.03 32.97
N GLU A 88 -21.59 -11.58 31.77
CA GLU A 88 -22.30 -10.32 31.61
C GLU A 88 -23.58 -10.28 32.45
N GLU A 89 -24.47 -11.26 32.27
CA GLU A 89 -25.73 -11.28 33.04
C GLU A 89 -25.51 -11.45 34.53
N ALA A 90 -24.55 -12.31 34.91
CA ALA A 90 -24.31 -12.56 36.32
C ALA A 90 -23.92 -11.25 37.05
N CYS A 91 -22.98 -10.53 36.44
CA CYS A 91 -22.51 -9.23 36.97
C CYS A 91 -23.59 -8.14 36.99
N LYS A 92 -24.47 -8.14 35.98
CA LYS A 92 -25.59 -7.22 36.00
C LYS A 92 -26.56 -7.58 37.14
N ARG A 93 -26.64 -8.86 37.48
CA ARG A 93 -27.54 -9.28 38.57
C ARG A 93 -26.92 -8.91 39.91
N ASP A 94 -25.62 -9.16 40.05
CA ASP A 94 -24.90 -8.92 41.29
C ASP A 94 -23.48 -8.46 40.96
N ILE A 95 -23.31 -7.14 40.91
CA ILE A 95 -22.05 -6.57 40.46
C ILE A 95 -20.84 -6.99 41.32
N GLU A 96 -21.09 -7.39 42.57
CA GLU A 96 -20.02 -7.87 43.44
C GLU A 96 -19.32 -9.11 42.86
N LEU A 97 -20.04 -9.84 42.01
CA LEU A 97 -19.42 -11.01 41.34
C LEU A 97 -18.24 -10.64 40.43
N LEU A 98 -18.16 -9.36 40.05
CA LEU A 98 -17.02 -8.91 39.25
C LEU A 98 -15.72 -9.15 40.02
N LEU A 99 -15.79 -9.12 41.36
CA LEU A 99 -14.61 -9.45 42.20
C LEU A 99 -13.97 -10.77 41.79
N LYS A 100 -14.77 -11.77 41.48
CA LYS A 100 -14.21 -13.06 41.14
C LYS A 100 -14.29 -13.43 39.67
N LEU A 101 -14.93 -12.59 38.86
CA LEU A 101 -15.07 -12.86 37.42
C LEU A 101 -14.22 -11.98 36.48
N ILE A 102 -13.59 -10.93 37.01
CA ILE A 102 -12.86 -10.00 36.13
C ILE A 102 -11.59 -10.69 35.53
N ALA A 103 -10.94 -11.55 36.32
CA ALA A 103 -9.81 -12.35 35.75
C ALA A 103 -10.27 -13.22 34.57
N ASN A 104 -11.45 -13.82 34.70
CA ASN A 104 -11.97 -14.71 33.67
C ASN A 104 -12.33 -13.95 32.41
N LEU A 105 -13.01 -12.81 32.60
CA LEU A 105 -13.34 -11.95 31.48
C LEU A 105 -12.08 -11.51 30.75
N ASN A 106 -11.04 -11.11 31.48
CA ASN A 106 -9.83 -10.62 30.82
C ASN A 106 -9.06 -11.76 30.15
N MET A 107 -9.20 -12.96 30.70
CA MET A 107 -8.59 -14.06 30.02
C MET A 107 -9.37 -14.38 28.73
N LEU A 108 -10.70 -14.27 28.75
CA LEU A 108 -11.49 -14.45 27.52
C LEU A 108 -11.24 -13.35 26.45
N LEU A 109 -10.89 -12.13 26.89
CA LEU A 109 -10.43 -11.07 25.98
C LEU A 109 -9.19 -11.50 25.21
N ARG A 110 -8.45 -12.44 25.80
CA ARG A 110 -7.19 -12.89 25.28
C ARG A 110 -7.31 -14.27 24.64
N ASP A 111 -8.55 -14.69 24.34
CA ASP A 111 -8.83 -15.95 23.64
C ASP A 111 -8.13 -16.06 22.28
N GLU A 112 -7.78 -17.28 21.89
CA GLU A 112 -7.18 -17.52 20.58
C GLU A 112 -8.14 -17.17 19.44
N ASN A 113 -9.45 -17.22 19.71
CA ASN A 113 -10.42 -17.03 18.64
C ASN A 113 -10.96 -15.61 18.60
N VAL A 114 -10.88 -14.99 17.43
CA VAL A 114 -11.27 -13.58 17.31
C VAL A 114 -12.76 -13.31 17.64
N ASN A 115 -13.65 -14.27 17.39
CA ASN A 115 -15.08 -14.03 17.69
C ASN A 115 -15.36 -14.06 19.17
N VAL A 116 -14.58 -14.84 19.91
CA VAL A 116 -14.66 -14.87 21.35
C VAL A 116 -14.13 -13.53 21.89
N VAL A 117 -12.97 -13.07 21.37
CA VAL A 117 -12.42 -11.76 21.78
C VAL A 117 -13.41 -10.61 21.52
N LYS A 118 -14.02 -10.59 20.33
CA LYS A 118 -15.02 -9.54 20.00
C LYS A 118 -16.22 -9.53 20.93
N LYS A 119 -16.68 -10.74 21.29
CA LYS A 119 -17.71 -10.88 22.28
C LYS A 119 -17.31 -10.29 23.67
N ALA A 120 -16.06 -10.50 24.09
CA ALA A 120 -15.59 -9.94 25.34
C ALA A 120 -15.56 -8.41 25.22
N ILE A 121 -15.20 -7.89 24.06
CA ILE A 121 -15.21 -6.44 23.91
C ILE A 121 -16.63 -5.87 24.11
N LEU A 122 -17.62 -6.50 23.47
CA LEU A 122 -19.01 -6.11 23.58
C LEU A 122 -19.53 -6.22 25.00
N THR A 123 -19.10 -7.24 25.74
CA THR A 123 -19.48 -7.35 27.12
C THR A 123 -18.84 -6.27 27.99
N MET A 124 -17.58 -5.92 27.69
CA MET A 124 -16.94 -4.86 28.47
C MET A 124 -17.60 -3.51 28.22
N THR A 125 -18.11 -3.32 27.01
CA THR A 125 -18.84 -2.09 26.66
C THR A 125 -20.08 -1.95 27.57
N GLN A 126 -20.63 -3.09 28.01
CA GLN A 126 -21.75 -3.09 28.95
C GLN A 126 -21.27 -3.01 30.40
N LEU A 127 -20.25 -3.79 30.77
CA LEU A 127 -19.84 -3.89 32.15
C LEU A 127 -19.01 -2.69 32.67
N TYR A 128 -18.27 -2.00 31.81
CA TYR A 128 -17.41 -0.93 32.34
C TYR A 128 -18.27 0.08 33.12
N LYS A 129 -19.38 0.52 32.52
CA LYS A 129 -20.25 1.52 33.14
C LYS A 129 -20.94 1.01 34.39
N VAL A 130 -21.32 -0.27 34.39
CA VAL A 130 -21.86 -0.91 35.59
C VAL A 130 -20.85 -0.99 36.75
N ALA A 131 -19.60 -1.39 36.46
CA ALA A 131 -18.52 -1.33 37.46
C ALA A 131 -18.30 0.08 37.99
N LEU A 132 -18.27 1.07 37.10
CA LEU A 132 -18.03 2.48 37.50
C LEU A 132 -19.15 2.98 38.43
N GLN A 133 -20.41 2.67 38.09
CA GLN A 133 -21.54 3.04 38.96
C GLN A 133 -21.39 2.39 40.36
N TRP A 134 -21.04 1.12 40.37
CA TRP A 134 -20.81 0.38 41.60
C TRP A 134 -19.75 1.07 42.45
N MET A 135 -18.65 1.45 41.81
CA MET A 135 -17.59 2.18 42.50
C MET A 135 -18.10 3.53 43.05
N VAL A 136 -18.88 4.25 42.24
CA VAL A 136 -19.42 5.55 42.64
C VAL A 136 -20.37 5.47 43.84
N LYS A 137 -21.27 4.48 43.81
CA LYS A 137 -22.35 4.32 44.80
C LYS A 137 -21.92 3.70 46.14
N SER A 138 -20.82 2.94 46.12
CA SER A 138 -20.38 2.18 47.29
C SER A 138 -20.13 3.03 48.52
N ARG A 139 -20.79 2.63 49.60
CA ARG A 139 -20.56 3.18 50.93
C ARG A 139 -19.09 3.01 51.30
N VAL A 140 -18.64 1.78 51.32
CA VAL A 140 -17.21 1.59 51.50
C VAL A 140 -16.55 0.67 50.49
N ILE A 141 -15.27 0.90 50.27
CA ILE A 141 -14.53 0.19 49.25
C ILE A 141 -13.35 -0.58 49.80
N SER A 142 -13.48 -1.90 49.79
CA SER A 142 -12.42 -2.81 50.18
C SER A 142 -11.22 -2.74 49.28
N GLU A 143 -10.06 -3.22 49.74
CA GLU A 143 -8.86 -3.26 48.88
C GLU A 143 -9.08 -4.16 47.69
N LEU A 144 -9.88 -5.21 47.89
CA LEU A 144 -10.27 -6.10 46.84
C LEU A 144 -11.12 -5.39 45.74
N GLN A 145 -12.12 -4.64 46.18
CA GLN A 145 -12.90 -3.81 45.24
C GLN A 145 -12.03 -2.78 44.52
N GLU A 146 -11.09 -2.14 45.23
CA GLU A 146 -10.17 -1.23 44.59
C GLU A 146 -9.38 -1.98 43.52
N ALA A 147 -8.89 -3.18 43.86
CA ALA A 147 -8.11 -3.95 42.90
C ALA A 147 -8.98 -4.35 41.72
N CYS A 148 -10.25 -4.70 41.98
CA CYS A 148 -11.19 -4.99 40.92
C CYS A 148 -11.33 -3.80 39.93
N TRP A 149 -11.48 -2.59 40.45
CA TRP A 149 -11.61 -1.41 39.58
C TRP A 149 -10.31 -1.23 38.79
N ASP A 150 -9.15 -1.44 39.41
CA ASP A 150 -7.89 -1.33 38.68
C ASP A 150 -7.86 -2.29 37.50
N MET A 151 -8.37 -3.49 37.73
CA MET A 151 -8.44 -4.50 36.66
C MET A 151 -9.38 -4.09 35.50
N VAL A 152 -10.57 -3.58 35.89
CA VAL A 152 -11.56 -3.11 34.94
C VAL A 152 -10.96 -1.96 34.11
N SER A 153 -10.39 -1.00 34.81
CA SER A 153 -9.78 0.13 34.16
C SER A 153 -8.62 -0.29 33.23
N ALA A 154 -7.77 -1.21 33.70
CA ALA A 154 -6.69 -1.69 32.85
C ALA A 154 -7.21 -2.48 31.63
N MET A 155 -8.30 -3.23 31.80
CA MET A 155 -8.91 -3.93 30.67
C MET A 155 -9.47 -2.93 29.68
N ALA A 156 -10.08 -1.87 30.18
CA ALA A 156 -10.51 -0.77 29.31
C ALA A 156 -9.33 -0.16 28.51
N GLY A 157 -8.22 0.10 29.19
CA GLY A 157 -7.01 0.53 28.51
C GLY A 157 -6.51 -0.48 27.47
N ASP A 158 -6.55 -1.77 27.77
CA ASP A 158 -6.16 -2.81 26.80
C ASP A 158 -7.03 -2.76 25.53
N ILE A 159 -8.33 -2.50 25.73
CA ILE A 159 -9.25 -2.45 24.58
C ILE A 159 -8.94 -1.24 23.70
N ILE A 160 -8.69 -0.08 24.33
CA ILE A 160 -8.20 1.10 23.63
C ILE A 160 -6.96 0.78 22.76
N LEU A 161 -6.03 -0.02 23.30
CA LEU A 161 -4.84 -0.43 22.55
C LEU A 161 -5.18 -1.38 21.39
N LEU A 162 -6.37 -1.99 21.43
CA LEU A 162 -6.81 -2.84 20.31
C LEU A 162 -7.18 -2.05 19.04
N LEU A 163 -7.31 -0.73 19.16
CA LEU A 163 -7.32 0.10 17.98
C LEU A 163 -6.09 -0.16 17.09
N ASP A 164 -4.98 -0.58 17.69
CA ASP A 164 -3.78 -0.89 16.92
C ASP A 164 -3.63 -2.40 16.60
N SER A 165 -4.68 -3.19 16.80
CA SER A 165 -4.71 -4.60 16.38
C SER A 165 -4.50 -4.72 14.85
N ASP A 166 -3.97 -5.85 14.42
CA ASP A 166 -3.84 -6.13 12.99
C ASP A 166 -5.13 -6.73 12.38
N ASN A 167 -6.17 -6.89 13.19
CA ASN A 167 -7.39 -7.55 12.76
C ASN A 167 -8.53 -6.51 12.64
N ASP A 168 -9.14 -6.43 11.47
CA ASP A 168 -10.17 -5.39 11.22
C ASP A 168 -11.38 -5.43 12.12
N GLY A 169 -11.85 -6.64 12.43
CA GLY A 169 -13.06 -6.84 13.21
C GLY A 169 -12.79 -6.45 14.64
N ILE A 170 -11.59 -6.81 15.12
CA ILE A 170 -11.20 -6.43 16.49
C ILE A 170 -11.16 -4.90 16.59
N ARG A 171 -10.55 -4.26 15.60
CA ARG A 171 -10.46 -2.78 15.61
C ARG A 171 -11.85 -2.14 15.58
N THR A 172 -12.77 -2.62 14.73
CA THR A 172 -14.18 -2.10 14.71
C THR A 172 -14.83 -2.21 16.12
N HIS A 173 -14.66 -3.34 16.76
CA HIS A 173 -15.20 -3.51 18.11
C HIS A 173 -14.55 -2.60 19.15
N ALA A 174 -13.22 -2.45 19.08
CA ALA A 174 -12.49 -1.48 19.94
C ALA A 174 -13.02 -0.04 19.79
N ILE A 175 -13.27 0.36 18.55
CA ILE A 175 -13.89 1.68 18.31
C ILE A 175 -15.21 1.83 19.06
N LYS A 176 -16.10 0.84 18.93
CA LYS A 176 -17.38 0.91 19.64
C LYS A 176 -17.19 0.98 21.17
N PHE A 177 -16.22 0.23 21.69
CA PHE A 177 -15.93 0.33 23.14
C PHE A 177 -15.43 1.76 23.49
N VAL A 178 -14.51 2.28 22.69
CA VAL A 178 -13.94 3.61 22.90
C VAL A 178 -15.06 4.67 22.85
N GLU A 179 -15.97 4.51 21.90
CA GLU A 179 -17.09 5.42 21.76
C GLU A 179 -17.90 5.44 23.08
N GLY A 180 -18.21 4.26 23.61
CA GLY A 180 -19.01 4.14 24.82
C GLY A 180 -18.28 4.78 26.00
N LEU A 181 -16.97 4.55 26.07
CA LEU A 181 -16.14 5.15 27.16
C LEU A 181 -16.14 6.68 27.14
N ILE A 182 -15.98 7.26 25.94
CA ILE A 182 -15.96 8.72 25.79
C ILE A 182 -17.30 9.30 26.31
N VAL A 183 -18.41 8.63 25.96
CA VAL A 183 -19.72 9.03 26.44
C VAL A 183 -19.87 8.87 28.01
N THR A 184 -19.50 7.73 28.55
CA THR A 184 -19.57 7.49 30.00
C THR A 184 -18.73 8.52 30.75
N LEU A 185 -17.56 8.83 30.21
CA LEU A 185 -16.61 9.73 30.89
C LEU A 185 -16.75 11.21 30.57
N SER A 186 -17.92 11.61 30.09
CA SER A 186 -18.16 13.03 29.87
C SER A 186 -19.56 13.33 30.37
N PRO A 187 -19.84 14.62 30.62
CA PRO A 187 -21.13 14.95 31.23
C PRO A 187 -22.32 15.08 30.24
N ARG A 188 -23.50 14.58 30.62
CA ARG A 188 -24.70 14.91 29.92
C ARG A 188 -24.94 16.40 30.09
N MET A 189 -25.51 17.02 29.06
CA MET A 189 -25.87 18.43 29.12
C MET A 189 -27.27 18.63 28.58
N ALA A 190 -27.70 19.89 28.58
CA ALA A 190 -29.06 20.26 28.23
C ALA A 190 -29.44 19.78 26.81
N ASP A 191 -28.51 19.85 25.86
CA ASP A 191 -28.81 19.43 24.48
C ASP A 191 -28.42 17.97 24.15
N SER A 192 -28.02 17.18 25.17
CA SER A 192 -27.64 15.77 24.93
C SER A 192 -28.88 14.99 24.45
N GLU A 193 -28.72 14.18 23.41
CA GLU A 193 -29.82 13.41 22.89
C GLU A 193 -29.51 12.00 23.35
N ILE A 194 -30.20 11.51 24.39
CA ILE A 194 -29.83 10.27 25.08
C ILE A 194 -30.76 9.11 24.64
N PRO A 195 -30.19 7.98 24.17
CA PRO A 195 -31.05 6.83 23.84
C PRO A 195 -31.82 6.30 25.06
N ARG A 196 -33.05 5.85 24.80
CA ARG A 196 -33.96 5.41 25.86
C ARG A 196 -33.37 4.33 26.77
N ARG A 197 -32.77 3.32 26.15
CA ARG A 197 -32.09 2.27 26.91
C ARG A 197 -30.99 2.77 27.84
N GLN A 198 -30.46 3.97 27.59
CA GLN A 198 -29.25 4.46 28.27
C GLN A 198 -29.54 5.58 29.26
N GLU A 199 -30.82 5.87 29.45
CA GLU A 199 -31.27 6.99 30.26
C GLU A 199 -30.70 6.94 31.70
N HIS A 200 -30.55 5.73 32.23
CA HIS A 200 -30.07 5.56 33.59
C HIS A 200 -28.57 5.21 33.69
N ASP A 201 -27.85 5.20 32.56
CA ASP A 201 -26.38 4.95 32.59
C ASP A 201 -25.68 6.05 33.32
N ILE A 202 -24.67 5.68 34.10
CA ILE A 202 -23.83 6.69 34.69
C ILE A 202 -23.13 7.52 33.60
N SER A 203 -22.86 8.77 33.94
CA SER A 203 -22.09 9.70 33.13
C SER A 203 -21.35 10.61 34.10
N LEU A 204 -20.40 11.41 33.63
CA LEU A 204 -19.51 12.19 34.52
C LEU A 204 -20.19 13.11 35.54
N ASP A 205 -21.23 13.82 35.11
CA ASP A 205 -21.99 14.77 35.93
C ASP A 205 -22.61 14.08 37.13
N ARG A 206 -22.80 12.75 37.04
CA ARG A 206 -23.37 11.95 38.12
C ARG A 206 -22.33 11.56 39.18
N ILE A 207 -21.10 11.99 39.00
CA ILE A 207 -20.02 11.56 39.90
C ILE A 207 -19.68 12.69 40.84
N PRO A 208 -19.88 12.47 42.16
CA PRO A 208 -19.65 13.61 43.08
C PRO A 208 -18.20 14.09 42.98
N ARG A 209 -17.99 15.39 42.94
CA ARG A 209 -16.64 15.96 42.82
C ARG A 209 -15.73 15.60 44.00
N ASP A 210 -16.34 15.26 45.14
CA ASP A 210 -15.60 14.99 46.36
C ASP A 210 -15.61 13.50 46.75
N HIS A 211 -15.83 12.62 45.76
CA HIS A 211 -15.82 11.20 46.04
C HIS A 211 -14.48 10.74 46.64
N PRO A 212 -14.54 9.85 47.66
CA PRO A 212 -13.34 9.31 48.31
C PRO A 212 -12.35 8.65 47.36
N TYR A 213 -12.83 7.89 46.40
CA TYR A 213 -11.92 7.10 45.58
C TYR A 213 -11.87 7.49 44.09
N ILE A 214 -13.03 7.62 43.46
CA ILE A 214 -13.08 7.91 42.03
C ILE A 214 -12.96 9.41 41.84
N GLN A 215 -11.90 9.82 41.16
CA GLN A 215 -11.60 11.23 40.97
C GLN A 215 -12.18 11.71 39.64
N TYR A 216 -13.22 12.50 39.76
CA TYR A 216 -13.90 13.19 38.66
C TYR A 216 -12.96 13.70 37.55
N ASN A 217 -11.96 14.48 37.97
CA ASN A 217 -10.98 15.12 37.12
C ASN A 217 -10.09 14.15 36.38
N VAL A 218 -9.74 13.06 37.03
CA VAL A 218 -9.01 12.01 36.35
C VAL A 218 -9.84 11.36 35.24
N LEU A 219 -11.11 11.06 35.53
CA LEU A 219 -11.99 10.41 34.57
C LEU A 219 -12.22 11.31 33.36
N TRP A 220 -12.46 12.59 33.63
CA TRP A 220 -12.55 13.60 32.61
C TRP A 220 -11.35 13.58 31.63
N GLU A 221 -10.13 13.56 32.18
CA GLU A 221 -8.93 13.50 31.37
C GLU A 221 -8.79 12.18 30.60
N GLU A 222 -9.24 11.08 31.22
CA GLU A 222 -9.30 9.79 30.49
C GLU A 222 -10.30 9.78 29.33
N GLY A 223 -11.49 10.35 29.53
CA GLY A 223 -12.47 10.46 28.41
C GLY A 223 -11.90 11.32 27.27
N LYS A 224 -11.30 12.43 27.64
CA LYS A 224 -10.71 13.32 26.63
C LYS A 224 -9.57 12.61 25.86
N ALA A 225 -8.74 11.85 26.56
CA ALA A 225 -7.62 11.21 25.91
C ALA A 225 -8.10 10.07 25.02
N ALA A 226 -9.19 9.41 25.43
CA ALA A 226 -9.82 8.40 24.60
C ALA A 226 -10.32 9.03 23.29
N LEU A 227 -10.98 10.19 23.37
CA LEU A 227 -11.39 10.92 22.16
C LEU A 227 -10.20 11.29 21.29
N GLU A 228 -9.13 11.74 21.93
CA GLU A 228 -7.95 12.12 21.18
C GLU A 228 -7.40 10.89 20.44
N GLN A 229 -7.34 9.74 21.10
CA GLN A 229 -6.88 8.51 20.46
C GLN A 229 -7.74 8.15 19.26
N LEU A 230 -9.06 8.28 19.42
CA LEU A 230 -9.99 7.99 18.32
C LEU A 230 -9.73 8.96 17.14
N LEU A 231 -9.63 10.25 17.42
CA LEU A 231 -9.32 11.26 16.38
C LEU A 231 -7.99 11.00 15.65
N LYS A 232 -6.96 10.56 16.41
CA LYS A 232 -5.67 10.18 15.83
C LYS A 232 -5.82 8.97 14.92
N PHE A 233 -6.52 7.95 15.43
CA PHE A 233 -6.80 6.72 14.68
C PHE A 233 -7.43 7.05 13.32
N MET A 234 -8.35 7.99 13.31
CA MET A 234 -9.07 8.31 12.09
C MET A 234 -8.23 8.88 10.96
N VAL A 235 -7.12 9.51 11.30
CA VAL A 235 -6.27 10.06 10.25
C VAL A 235 -5.06 9.15 9.99
N HIS A 236 -5.06 7.94 10.56
CA HIS A 236 -4.00 6.98 10.23
C HIS A 236 -4.00 6.59 8.74
N PRO A 237 -2.84 6.69 8.06
CA PRO A 237 -2.90 6.63 6.57
C PRO A 237 -3.46 5.31 5.98
N ALA A 238 -3.35 4.23 6.73
CA ALA A 238 -3.81 2.93 6.26
C ALA A 238 -5.15 2.52 6.91
N ILE A 239 -5.92 3.50 7.41
CA ILE A 239 -7.17 3.14 8.08
C ILE A 239 -8.09 2.40 7.11
N SER A 240 -8.65 1.28 7.53
CA SER A 240 -9.53 0.50 6.64
C SER A 240 -10.88 1.19 6.36
N SER A 241 -11.51 0.80 5.25
CA SER A 241 -12.86 1.28 4.94
C SER A 241 -13.86 1.10 6.09
N ILE A 242 -13.98 -0.12 6.61
CA ILE A 242 -14.89 -0.37 7.71
C ILE A 242 -14.56 0.36 8.99
N ASN A 243 -13.28 0.46 9.33
CA ASN A 243 -12.92 1.12 10.61
C ASN A 243 -13.18 2.62 10.49
N LEU A 244 -12.87 3.20 9.33
CA LEU A 244 -13.16 4.61 9.13
C LEU A 244 -14.69 4.84 9.20
N THR A 245 -15.49 4.10 8.44
CA THR A 245 -16.94 4.28 8.61
C THR A 245 -17.45 4.02 10.04
N THR A 246 -16.84 3.09 10.75
CA THR A 246 -17.25 2.93 12.15
C THR A 246 -16.94 4.17 13.00
N ALA A 247 -15.71 4.67 12.86
CA ALA A 247 -15.28 5.86 13.58
C ALA A 247 -16.16 7.06 13.26
N LEU A 248 -16.58 7.20 11.99
CA LEU A 248 -17.45 8.32 11.59
C LEU A 248 -18.78 8.24 12.29
N GLY A 249 -19.38 7.05 12.33
CA GLY A 249 -20.63 6.84 13.09
C GLY A 249 -20.49 7.09 14.59
N SER A 250 -19.37 6.63 15.17
CA SER A 250 -19.11 6.81 16.59
C SER A 250 -19.03 8.33 16.94
N LEU A 251 -18.35 9.10 16.09
CA LEU A 251 -18.29 10.55 16.30
C LEU A 251 -19.66 11.20 16.19
N ALA A 252 -20.51 10.72 15.29
CA ALA A 252 -21.87 11.29 15.20
C ALA A 252 -22.66 10.98 16.49
N ASN A 253 -22.51 9.76 17.01
CA ASN A 253 -23.18 9.42 18.29
C ASN A 253 -22.65 10.23 19.46
N ILE A 254 -21.34 10.39 19.50
CA ILE A 254 -20.69 11.25 20.51
C ILE A 254 -21.17 12.71 20.43
N ALA A 255 -21.24 13.28 19.23
CA ALA A 255 -21.63 14.68 19.09
C ALA A 255 -23.08 14.88 19.56
N ARG A 256 -23.91 13.87 19.28
CA ARG A 256 -25.32 13.95 19.63
C ARG A 256 -25.56 13.75 21.12
N GLN A 257 -24.80 12.84 21.73
CA GLN A 257 -24.97 12.53 23.15
C GLN A 257 -24.21 13.50 24.03
N ARG A 258 -23.12 14.07 23.49
CA ARG A 258 -22.20 14.93 24.24
C ARG A 258 -21.83 16.10 23.34
N PRO A 259 -22.76 17.05 23.17
CA PRO A 259 -22.53 18.08 22.16
C PRO A 259 -21.40 19.04 22.49
N MET A 260 -20.80 18.97 23.68
CA MET A 260 -19.61 19.81 23.88
C MET A 260 -18.45 19.37 22.99
N PHE A 261 -18.54 18.15 22.43
CA PHE A 261 -17.52 17.68 21.49
C PHE A 261 -17.92 17.92 20.05
N MET A 262 -19.03 18.62 19.84
CA MET A 262 -19.54 18.75 18.45
C MET A 262 -18.51 19.43 17.54
N SER A 263 -17.74 20.34 18.14
CA SER A 263 -16.73 21.09 17.44
C SER A 263 -15.59 20.18 16.95
N GLU A 264 -15.07 19.35 17.84
CA GLU A 264 -14.09 18.34 17.45
C GLU A 264 -14.62 17.38 16.37
N VAL A 265 -15.90 17.03 16.44
CA VAL A 265 -16.45 16.04 15.51
C VAL A 265 -16.51 16.69 14.14
N ILE A 266 -17.04 17.89 14.09
CA ILE A 266 -17.12 18.62 12.81
C ILE A 266 -15.72 18.83 12.20
N GLN A 267 -14.77 19.23 13.04
CA GLN A 267 -13.38 19.36 12.58
C GLN A 267 -12.82 18.06 11.97
N ALA A 268 -13.13 16.92 12.60
CA ALA A 268 -12.67 15.63 12.08
C ALA A 268 -13.31 15.31 10.73
N TYR A 269 -14.58 15.67 10.58
CA TYR A 269 -15.27 15.46 9.34
C TYR A 269 -14.64 16.33 8.23
N GLU A 270 -14.37 17.59 8.55
CA GLU A 270 -13.71 18.51 7.60
C GLU A 270 -12.33 17.98 7.16
N THR A 271 -11.52 17.59 8.12
CA THR A 271 -10.21 16.95 7.89
C THR A 271 -10.27 15.74 6.99
N LEU A 272 -11.14 14.79 7.30
CA LEU A 272 -11.32 13.63 6.44
C LEU A 272 -11.73 14.07 5.02
N HIS A 273 -12.74 14.93 4.92
CA HIS A 273 -13.24 15.34 3.62
C HIS A 273 -12.12 15.95 2.76
N ALA A 274 -11.21 16.69 3.37
CA ALA A 274 -10.09 17.31 2.66
C ALA A 274 -8.94 16.31 2.37
N ASN A 275 -8.88 15.23 3.14
CA ASN A 275 -7.75 14.28 3.14
C ASN A 275 -8.20 12.80 3.20
N LEU A 276 -8.99 12.32 2.24
CA LEU A 276 -9.38 10.90 2.19
C LEU A 276 -8.11 10.03 2.24
N PRO A 277 -8.06 9.01 3.14
CA PRO A 277 -6.86 8.18 3.10
C PRO A 277 -6.72 7.53 1.72
N PRO A 278 -5.51 7.65 1.14
CA PRO A 278 -5.32 7.35 -0.29
C PRO A 278 -5.30 5.85 -0.58
N THR A 279 -5.16 5.02 0.47
CA THR A 279 -5.21 3.55 0.40
C THR A 279 -6.59 2.89 0.19
N LEU A 280 -7.65 3.68 0.30
CA LEU A 280 -9.01 3.14 0.06
C LEU A 280 -9.19 2.82 -1.41
N ALA A 281 -9.67 1.61 -1.72
CA ALA A 281 -10.02 1.24 -3.09
C ALA A 281 -11.17 2.11 -3.51
N LYS A 282 -11.42 2.14 -4.80
CA LYS A 282 -12.44 3.03 -5.36
C LYS A 282 -13.83 2.85 -4.72
N SER A 283 -14.29 1.61 -4.56
CA SER A 283 -15.64 1.42 -4.01
C SER A 283 -15.66 1.73 -2.50
N GLN A 284 -14.50 1.59 -1.86
CA GLN A 284 -14.34 1.91 -0.45
C GLN A 284 -14.42 3.41 -0.24
N VAL A 285 -13.79 4.19 -1.13
CA VAL A 285 -13.92 5.65 -1.09
C VAL A 285 -15.40 6.04 -1.18
N SER A 286 -16.10 5.46 -2.14
CA SER A 286 -17.53 5.72 -2.31
C SER A 286 -18.33 5.36 -1.04
N SER A 287 -18.06 4.20 -0.45
CA SER A 287 -18.77 3.73 0.76
C SER A 287 -18.55 4.68 1.91
N VAL A 288 -17.31 5.12 2.04
CA VAL A 288 -16.93 6.05 3.11
C VAL A 288 -17.57 7.42 2.87
N ARG A 289 -17.52 7.92 1.63
CA ARG A 289 -18.08 9.25 1.35
C ARG A 289 -19.58 9.28 1.60
N LYS A 290 -20.24 8.20 1.24
CA LYS A 290 -21.67 8.08 1.47
C LYS A 290 -21.97 8.14 2.99
N ASN A 291 -21.11 7.54 3.80
CA ASN A 291 -21.31 7.58 5.25
C ASN A 291 -20.95 8.94 5.84
N LEU A 292 -19.96 9.62 5.27
CA LEU A 292 -19.66 10.99 5.70
C LEU A 292 -20.92 11.90 5.52
N LYS A 293 -21.54 11.82 4.34
CA LYS A 293 -22.78 12.57 4.08
C LYS A 293 -23.89 12.22 5.07
N LEU A 294 -24.14 10.92 5.20
CA LEU A 294 -25.11 10.42 6.15
C LEU A 294 -24.92 11.00 7.59
N HIS A 295 -23.70 10.89 8.11
CA HIS A 295 -23.40 11.39 9.45
C HIS A 295 -23.42 12.94 9.58
N LEU A 296 -23.02 13.65 8.52
CA LEU A 296 -23.16 15.10 8.51
C LEU A 296 -24.63 15.52 8.58
N LEU A 297 -25.47 14.88 7.77
CA LEU A 297 -26.92 15.10 7.84
C LEU A 297 -27.48 14.83 9.25
N SER A 298 -27.01 13.75 9.86
CA SER A 298 -27.44 13.37 11.20
C SER A 298 -27.08 14.46 12.23
N VAL A 299 -25.87 15.00 12.14
CA VAL A 299 -25.44 15.97 13.11
C VAL A 299 -26.20 17.29 12.86
N LEU A 300 -26.48 17.58 11.59
CA LEU A 300 -27.23 18.77 11.22
C LEU A 300 -28.59 18.82 11.90
N LYS A 301 -29.24 17.66 12.00
CA LYS A 301 -30.57 17.56 12.61
C LYS A 301 -30.58 17.87 14.11
N HIS A 302 -29.43 17.75 14.78
CA HIS A 302 -29.34 17.91 16.23
C HIS A 302 -29.41 19.40 16.60
N PRO A 303 -30.23 19.75 17.63
CA PRO A 303 -30.42 21.17 17.96
C PRO A 303 -29.10 21.93 18.14
N ALA A 304 -28.03 21.26 18.61
CA ALA A 304 -26.80 21.97 18.89
C ALA A 304 -25.92 22.27 17.69
N SER A 305 -26.32 21.84 16.49
CA SER A 305 -25.56 22.10 15.25
C SER A 305 -25.76 23.51 14.68
N LEU A 306 -26.68 24.28 15.29
CA LEU A 306 -26.94 25.70 14.98
C LEU A 306 -25.65 26.50 14.92
N GLU A 307 -24.72 26.13 15.79
CA GLU A 307 -23.44 26.81 15.94
C GLU A 307 -22.44 26.47 14.84
N PHE A 308 -22.70 25.43 14.04
CA PHE A 308 -21.77 24.93 13.03
C PHE A 308 -22.42 24.80 11.65
N GLN A 309 -23.58 25.41 11.50
CA GLN A 309 -24.48 25.14 10.39
C GLN A 309 -23.89 25.56 9.05
N ALA A 310 -23.22 26.71 9.02
CA ALA A 310 -22.58 27.16 7.78
C ALA A 310 -21.51 26.15 7.36
N GLN A 311 -20.69 25.68 8.31
CA GLN A 311 -19.68 24.66 8.00
C GLN A 311 -20.22 23.30 7.55
N ILE A 312 -21.28 22.83 8.19
CA ILE A 312 -21.85 21.56 7.80
C ILE A 312 -22.43 21.67 6.39
N THR A 313 -23.17 22.75 6.15
CA THR A 313 -23.80 23.03 4.86
C THR A 313 -22.75 22.99 3.75
N THR A 314 -21.63 23.67 3.99
CA THR A 314 -20.54 23.75 3.02
C THR A 314 -20.00 22.38 2.67
N LEU A 315 -19.71 21.55 3.68
CA LEU A 315 -19.27 20.17 3.43
C LEU A 315 -20.29 19.31 2.69
N LEU A 316 -21.56 19.48 3.03
CA LEU A 316 -22.59 18.68 2.40
C LEU A 316 -22.75 19.09 0.92
N VAL A 317 -22.70 20.38 0.63
CA VAL A 317 -22.74 20.83 -0.79
C VAL A 317 -21.57 20.21 -1.57
N ASP A 318 -20.36 20.37 -1.06
CA ASP A 318 -19.17 19.68 -1.58
C ASP A 318 -19.38 18.20 -1.92
N LEU A 319 -20.07 17.47 -1.05
CA LEU A 319 -20.27 16.03 -1.25
C LEU A 319 -21.36 15.72 -2.27
N GLY A 320 -21.94 16.78 -2.84
CA GLY A 320 -22.95 16.62 -3.86
C GLY A 320 -24.35 16.51 -3.32
N THR A 321 -24.56 16.95 -2.07
CA THR A 321 -25.89 16.91 -1.48
C THR A 321 -26.72 18.06 -2.04
N PRO A 322 -27.93 17.75 -2.57
CA PRO A 322 -28.80 18.81 -3.08
C PRO A 322 -29.26 19.75 -1.98
N GLN A 323 -29.38 21.03 -2.32
CA GLN A 323 -29.82 22.07 -1.38
C GLN A 323 -31.12 21.64 -0.68
N ALA A 324 -32.00 20.99 -1.46
CA ALA A 324 -33.29 20.55 -0.96
C ALA A 324 -33.18 19.47 0.10
N GLU A 325 -32.23 18.56 -0.06
CA GLU A 325 -32.01 17.52 0.95
C GLU A 325 -31.49 18.12 2.27
N ILE A 326 -30.64 19.13 2.18
CA ILE A 326 -30.10 19.80 3.37
C ILE A 326 -31.23 20.41 4.21
N ALA A 327 -32.09 21.19 3.58
CA ALA A 327 -33.26 21.80 4.23
C ALA A 327 -34.14 20.79 4.98
N ARG A 328 -34.30 19.60 4.41
CA ARG A 328 -35.09 18.53 5.02
C ARG A 328 -34.46 18.08 6.35
N ASN A 329 -33.15 18.23 6.46
CA ASN A 329 -32.46 17.79 7.67
C ASN A 329 -32.09 18.91 8.63
N MET A 330 -32.74 20.06 8.45
CA MET A 330 -32.37 21.29 9.17
C MET A 330 -32.84 21.42 10.64
N PRO A 331 -34.15 21.49 10.90
CA PRO A 331 -34.54 21.76 12.27
C PRO A 331 -35.42 20.65 12.88
N LEU B 26 -23.92 -18.95 8.55
CA LEU B 26 -23.95 -17.51 8.12
C LEU B 26 -25.40 -17.11 7.92
N ARG B 27 -25.86 -16.10 8.64
CA ARG B 27 -27.23 -15.64 8.52
C ARG B 27 -27.27 -14.48 7.56
N VAL B 28 -27.91 -14.69 6.41
CA VAL B 28 -27.95 -13.67 5.36
C VAL B 28 -29.35 -13.12 5.16
N ALA B 29 -29.44 -11.83 4.84
CA ALA B 29 -30.64 -11.19 4.31
C ALA B 29 -30.30 -10.67 2.94
N VAL B 30 -31.20 -10.91 1.97
CA VAL B 30 -31.08 -10.30 0.67
C VAL B 30 -32.27 -9.36 0.46
N VAL B 31 -31.97 -8.14 -0.01
CA VAL B 31 -32.95 -7.04 -0.06
C VAL B 31 -33.02 -6.43 -1.47
N SER B 32 -34.24 -6.34 -2.01
CA SER B 32 -34.41 -5.62 -3.27
C SER B 32 -35.41 -4.50 -3.02
N SER B 33 -36.09 -4.05 -4.07
CA SER B 33 -37.06 -2.97 -3.87
C SER B 33 -38.45 -3.45 -3.54
N SER B 34 -38.95 -4.41 -4.32
CA SER B 34 -40.30 -4.91 -4.18
C SER B 34 -40.39 -6.29 -3.51
N ASN B 35 -39.23 -6.91 -3.21
CA ASN B 35 -39.16 -8.32 -2.73
C ASN B 35 -39.97 -9.24 -3.64
N GLN B 36 -39.73 -9.11 -4.94
CA GLN B 36 -40.44 -9.93 -5.93
C GLN B 36 -39.50 -10.75 -6.80
N ASN B 37 -38.38 -10.12 -7.21
CA ASN B 37 -37.55 -10.64 -8.27
C ASN B 37 -36.09 -10.89 -7.82
N ARG B 38 -35.26 -9.85 -7.73
CA ARG B 38 -33.84 -10.04 -7.40
C ARG B 38 -33.61 -10.74 -6.04
N SER B 39 -34.33 -10.30 -5.03
CA SER B 39 -34.15 -10.85 -3.69
C SER B 39 -34.74 -12.25 -3.56
N MET B 40 -35.79 -12.55 -4.32
CA MET B 40 -36.46 -13.84 -4.23
C MET B 40 -35.71 -14.93 -5.01
N GLU B 41 -35.20 -14.57 -6.19
CA GLU B 41 -34.24 -15.43 -6.91
C GLU B 41 -33.05 -15.80 -6.02
N ALA B 42 -32.54 -14.84 -5.27
CA ALA B 42 -31.39 -15.06 -4.39
C ALA B 42 -31.83 -15.88 -3.17
N HIS B 43 -33.00 -15.58 -2.60
CA HIS B 43 -33.55 -16.32 -1.46
C HIS B 43 -33.62 -17.79 -1.87
N ASN B 44 -34.21 -18.04 -3.04
CA ASN B 44 -34.37 -19.39 -3.54
C ASN B 44 -33.03 -20.14 -3.68
N ILE B 45 -32.06 -19.56 -4.39
CA ILE B 45 -30.76 -20.23 -4.59
C ILE B 45 -30.05 -20.43 -3.23
N LEU B 46 -29.99 -19.39 -2.40
CA LEU B 46 -29.29 -19.49 -1.11
C LEU B 46 -29.94 -20.55 -0.25
N SER B 47 -31.27 -20.52 -0.19
CA SER B 47 -32.01 -21.45 0.65
C SER B 47 -31.71 -22.89 0.22
N LYS B 48 -31.72 -23.13 -1.09
CA LYS B 48 -31.47 -24.46 -1.66
C LYS B 48 -30.05 -24.94 -1.42
N ARG B 49 -29.12 -23.98 -1.33
CA ARG B 49 -27.74 -24.33 -1.06
C ARG B 49 -27.35 -24.30 0.41
N GLY B 50 -28.36 -24.35 1.28
CA GLY B 50 -28.14 -24.61 2.70
C GLY B 50 -27.83 -23.40 3.58
N PHE B 51 -28.06 -22.18 3.08
CA PHE B 51 -27.86 -20.97 3.89
C PHE B 51 -29.10 -20.61 4.66
N SER B 52 -28.91 -19.94 5.79
CA SER B 52 -30.00 -19.37 6.52
C SER B 52 -30.20 -18.01 5.89
N VAL B 53 -31.35 -17.82 5.24
CA VAL B 53 -31.61 -16.62 4.47
C VAL B 53 -33.03 -16.08 4.69
N ARG B 54 -33.14 -14.75 4.73
CA ARG B 54 -34.42 -14.08 4.69
C ARG B 54 -34.30 -13.03 3.60
N SER B 55 -35.44 -12.55 3.11
CA SER B 55 -35.44 -11.59 2.04
C SER B 55 -36.48 -10.51 2.29
N PHE B 56 -36.22 -9.32 1.75
CA PHE B 56 -37.02 -8.14 2.05
C PHE B 56 -37.01 -7.20 0.88
N GLY B 57 -37.90 -6.23 0.92
CA GLY B 57 -37.87 -5.09 -0.01
C GLY B 57 -37.83 -3.78 0.80
N THR B 58 -37.20 -2.74 0.25
CA THR B 58 -37.20 -1.44 0.91
C THR B 58 -38.13 -0.43 0.28
N GLY B 59 -38.75 -0.79 -0.86
CA GLY B 59 -39.63 0.15 -1.56
C GLY B 59 -40.84 0.55 -0.73
N THR B 60 -41.40 1.71 -1.05
CA THR B 60 -42.63 2.18 -0.45
C THR B 60 -43.81 1.26 -0.77
N HIS B 61 -43.74 0.58 -1.92
CA HIS B 61 -44.79 -0.28 -2.42
C HIS B 61 -44.18 -1.33 -3.34
N VAL B 62 -44.99 -2.30 -3.72
CA VAL B 62 -44.59 -3.38 -4.60
C VAL B 62 -44.92 -3.00 -6.01
N LYS B 63 -43.97 -3.23 -6.90
CA LYS B 63 -44.09 -2.93 -8.30
C LYS B 63 -43.88 -4.24 -9.06
N LEU B 64 -44.73 -4.49 -10.05
CA LEU B 64 -44.54 -5.57 -10.98
C LEU B 64 -44.64 -4.97 -12.37
N PRO B 65 -43.91 -5.52 -13.35
CA PRO B 65 -44.04 -5.02 -14.72
C PRO B 65 -45.49 -5.17 -15.23
N GLY B 66 -45.93 -4.25 -16.09
CA GLY B 66 -47.26 -4.36 -16.71
C GLY B 66 -47.15 -4.27 -18.22
N PRO B 67 -48.25 -3.86 -18.90
CA PRO B 67 -48.34 -3.87 -20.37
C PRO B 67 -47.38 -2.90 -21.06
N ALA B 68 -46.87 -1.93 -20.34
CA ALA B 68 -45.89 -1.01 -20.88
C ALA B 68 -44.94 -0.59 -19.75
N PRO B 69 -43.70 -0.22 -20.11
CA PRO B 69 -42.72 0.23 -19.11
C PRO B 69 -43.20 1.36 -18.18
N ASP B 70 -44.07 2.25 -18.68
CA ASP B 70 -44.65 3.31 -17.83
C ASP B 70 -46.04 2.95 -17.27
N LYS B 71 -46.36 1.66 -17.27
CA LYS B 71 -47.61 1.15 -16.72
C LYS B 71 -47.41 -0.06 -15.82
N PRO B 72 -46.54 0.06 -14.79
CA PRO B 72 -46.39 -1.09 -13.89
C PRO B 72 -47.67 -1.36 -13.10
N ASN B 73 -47.75 -2.56 -12.54
CA ASN B 73 -48.77 -2.88 -11.57
C ASN B 73 -48.26 -2.57 -10.18
N VAL B 74 -49.09 -1.95 -9.37
CA VAL B 74 -48.65 -1.56 -8.04
C VAL B 74 -49.53 -2.21 -6.98
N TYR B 75 -48.91 -2.69 -5.91
CA TYR B 75 -49.59 -3.28 -4.75
C TYR B 75 -49.01 -2.78 -3.42
N ASP B 76 -49.81 -2.92 -2.36
CA ASP B 76 -49.34 -2.75 -1.00
C ASP B 76 -48.45 -3.97 -0.62
N PHE B 77 -47.53 -3.78 0.30
CA PHE B 77 -46.79 -4.91 0.88
C PHE B 77 -47.64 -5.94 1.65
N LYS B 78 -48.84 -5.52 2.10
CA LYS B 78 -49.77 -6.42 2.79
C LYS B 78 -50.41 -7.46 1.87
N THR B 79 -50.25 -7.31 0.55
CA THR B 79 -50.88 -8.19 -0.42
C THR B 79 -50.04 -9.46 -0.65
N THR B 80 -50.73 -10.59 -0.64
CA THR B 80 -50.14 -11.92 -0.83
C THR B 80 -49.69 -12.15 -2.28
N TYR B 81 -48.63 -12.95 -2.46
CA TYR B 81 -48.21 -13.33 -3.82
C TYR B 81 -49.36 -13.98 -4.59
N ASP B 82 -50.10 -14.82 -3.88
CA ASP B 82 -51.28 -15.48 -4.42
C ASP B 82 -52.36 -14.49 -4.87
N GLN B 83 -52.61 -13.45 -4.07
CA GLN B 83 -53.56 -12.40 -4.48
C GLN B 83 -53.07 -11.70 -5.75
N MET B 84 -51.76 -11.42 -5.84
CA MET B 84 -51.18 -10.80 -7.03
C MET B 84 -51.31 -11.70 -8.25
N TYR B 85 -51.08 -12.98 -8.02
CA TYR B 85 -51.22 -14.00 -9.06
C TYR B 85 -52.64 -13.96 -9.64
N ASN B 86 -53.63 -14.03 -8.77
CA ASN B 86 -55.04 -14.08 -9.21
C ASN B 86 -55.48 -12.77 -9.85
N ASP B 87 -55.05 -11.65 -9.27
CA ASP B 87 -55.27 -10.35 -9.88
C ASP B 87 -54.70 -10.29 -11.31
N LEU B 88 -53.45 -10.73 -11.48
CA LEU B 88 -52.83 -10.71 -12.81
C LEU B 88 -53.43 -11.77 -13.78
N LEU B 89 -53.92 -12.88 -13.22
CA LEU B 89 -54.52 -13.94 -14.03
C LEU B 89 -55.82 -13.44 -14.64
N ARG B 90 -56.56 -12.63 -13.87
CA ARG B 90 -57.78 -11.95 -14.33
C ARG B 90 -57.46 -10.90 -15.39
N LYS B 91 -56.49 -10.03 -15.11
CA LYS B 91 -56.22 -8.87 -15.96
C LYS B 91 -55.86 -9.32 -17.38
N ASP B 92 -54.85 -10.19 -17.51
CA ASP B 92 -54.35 -10.61 -18.81
C ASP B 92 -53.54 -11.90 -18.68
N LYS B 93 -54.25 -13.03 -18.61
CA LYS B 93 -53.63 -14.33 -18.44
C LYS B 93 -52.44 -14.48 -19.37
N GLU B 94 -52.57 -13.91 -20.56
CA GLU B 94 -51.62 -14.16 -21.64
C GLU B 94 -50.35 -13.37 -21.47
N LEU B 95 -50.49 -12.09 -21.15
CA LEU B 95 -49.34 -11.22 -20.99
C LEU B 95 -48.48 -11.69 -19.82
N TYR B 96 -49.12 -12.07 -18.71
CA TYR B 96 -48.39 -12.41 -17.47
C TYR B 96 -47.93 -13.88 -17.42
N THR B 97 -48.38 -14.69 -18.38
CA THR B 97 -47.72 -15.97 -18.66
C THR B 97 -46.47 -15.70 -19.48
N GLN B 98 -46.59 -14.80 -20.45
CA GLN B 98 -45.54 -14.50 -21.43
C GLN B 98 -44.32 -13.85 -20.81
N ASN B 99 -44.53 -12.87 -19.93
CA ASN B 99 -43.44 -12.15 -19.33
C ASN B 99 -42.92 -12.77 -18.02
N GLY B 100 -43.27 -14.05 -17.78
CA GLY B 100 -42.76 -14.85 -16.66
C GLY B 100 -43.26 -14.45 -15.28
N ILE B 101 -44.14 -13.44 -15.23
CA ILE B 101 -44.60 -12.90 -13.95
C ILE B 101 -45.48 -13.88 -13.15
N LEU B 102 -46.33 -14.63 -13.83
CA LEU B 102 -47.14 -15.64 -13.10
C LEU B 102 -46.25 -16.74 -12.52
N HIS B 103 -45.29 -17.18 -13.31
CA HIS B 103 -44.31 -18.17 -12.86
C HIS B 103 -43.50 -17.64 -11.66
N MET B 104 -43.03 -16.38 -11.75
CA MET B 104 -42.29 -15.74 -10.64
C MET B 104 -43.13 -15.70 -9.37
N LEU B 105 -44.39 -15.26 -9.51
CA LEU B 105 -45.31 -15.19 -8.36
C LEU B 105 -45.56 -16.55 -7.72
N ASP B 106 -45.74 -17.57 -8.56
CA ASP B 106 -45.88 -18.96 -8.12
C ASP B 106 -44.64 -19.45 -7.39
N ARG B 107 -43.46 -19.17 -7.95
CA ARG B 107 -42.19 -19.48 -7.26
C ARG B 107 -42.16 -18.81 -5.87
N ASN B 108 -42.57 -17.54 -5.83
CA ASN B 108 -42.52 -16.73 -4.62
C ASN B 108 -43.42 -17.33 -3.54
N LYS B 109 -44.63 -17.69 -3.95
CA LYS B 109 -45.60 -18.28 -3.04
C LYS B 109 -45.05 -19.52 -2.34
N ARG B 110 -44.29 -20.32 -3.08
CA ARG B 110 -43.69 -21.53 -2.55
C ARG B 110 -42.59 -21.25 -1.56
N ILE B 111 -42.15 -20.00 -1.45
CA ILE B 111 -41.15 -19.64 -0.45
C ILE B 111 -41.79 -19.08 0.82
N LYS B 112 -42.75 -18.17 0.64
CA LYS B 112 -43.37 -17.48 1.76
C LYS B 112 -44.62 -16.79 1.26
N PRO B 113 -45.55 -16.43 2.16
CA PRO B 113 -46.85 -16.01 1.63
C PRO B 113 -46.92 -14.58 1.06
N ARG B 114 -46.08 -13.67 1.54
CA ARG B 114 -46.09 -12.29 1.04
C ARG B 114 -44.74 -11.60 1.08
N PRO B 115 -44.55 -10.58 0.21
CA PRO B 115 -43.31 -9.81 0.27
C PRO B 115 -43.20 -9.12 1.64
N GLU B 116 -41.98 -8.92 2.13
CA GLU B 116 -41.76 -8.33 3.44
C GLU B 116 -40.95 -7.04 3.33
N ARG B 117 -41.39 -6.00 4.06
CA ARG B 117 -40.68 -4.74 4.15
C ARG B 117 -39.53 -4.86 5.14
N PHE B 118 -38.32 -4.54 4.67
CA PHE B 118 -37.14 -4.50 5.54
C PHE B 118 -37.34 -3.62 6.79
N GLN B 119 -37.90 -2.44 6.57
CA GLN B 119 -38.05 -1.47 7.65
C GLN B 119 -38.97 -1.98 8.77
N ASN B 120 -39.73 -3.06 8.50
CA ASN B 120 -40.64 -3.64 9.51
C ASN B 120 -40.08 -4.77 10.31
N CYS B 121 -38.98 -5.35 9.85
CA CYS B 121 -38.43 -6.53 10.53
C CYS B 121 -37.38 -6.14 11.55
N LYS B 122 -37.17 -7.06 12.50
CA LYS B 122 -36.33 -6.86 13.69
C LYS B 122 -35.33 -8.02 13.90
N ASP B 123 -35.09 -8.82 12.86
CA ASP B 123 -34.19 -9.98 12.91
C ASP B 123 -32.71 -9.55 12.84
N LEU B 124 -31.80 -10.37 13.35
CA LEU B 124 -30.36 -10.11 13.22
C LEU B 124 -29.71 -10.94 12.11
N PHE B 125 -28.81 -10.29 11.36
CA PHE B 125 -28.02 -10.96 10.33
C PHE B 125 -26.52 -10.71 10.51
N ASP B 126 -25.73 -11.57 9.90
CA ASP B 126 -24.30 -11.37 9.78
C ASP B 126 -24.03 -10.49 8.58
N LEU B 127 -24.83 -10.68 7.53
CA LEU B 127 -24.54 -10.07 6.22
C LEU B 127 -25.83 -9.72 5.53
N ILE B 128 -25.92 -8.47 5.08
CA ILE B 128 -27.10 -8.02 4.34
C ILE B 128 -26.62 -7.64 2.96
N LEU B 129 -27.20 -8.27 1.94
CA LEU B 129 -26.85 -7.98 0.56
C LEU B 129 -27.99 -7.22 -0.09
N THR B 130 -27.69 -6.10 -0.73
CA THR B 130 -28.71 -5.32 -1.41
C THR B 130 -28.46 -5.40 -2.90
N CYS B 131 -29.53 -5.22 -3.69
CA CYS B 131 -29.49 -5.48 -5.13
C CYS B 131 -29.43 -4.22 -6.00
N GLU B 132 -29.36 -3.04 -5.38
CA GLU B 132 -29.07 -1.79 -6.05
C GLU B 132 -28.82 -0.67 -5.06
N GLU B 133 -28.08 0.34 -5.50
CA GLU B 133 -27.59 1.35 -4.57
C GLU B 133 -28.70 2.08 -3.79
N ARG B 134 -29.83 2.35 -4.46
CA ARG B 134 -30.97 2.99 -3.78
C ARG B 134 -31.46 2.12 -2.59
N VAL B 135 -31.45 0.81 -2.77
CA VAL B 135 -31.91 -0.12 -1.74
C VAL B 135 -30.86 -0.15 -0.61
N TYR B 136 -29.58 -0.17 -1.00
CA TYR B 136 -28.45 -0.03 -0.03
C TYR B 136 -28.65 1.25 0.85
N ASP B 137 -28.92 2.38 0.21
CA ASP B 137 -29.15 3.65 0.93
C ASP B 137 -30.32 3.52 1.93
N GLN B 138 -31.37 2.82 1.53
CA GLN B 138 -32.55 2.68 2.37
C GLN B 138 -32.27 1.77 3.56
N VAL B 139 -31.57 0.68 3.28
CA VAL B 139 -31.20 -0.23 4.35
C VAL B 139 -30.33 0.50 5.38
N VAL B 140 -29.32 1.24 4.90
CA VAL B 140 -28.43 1.97 5.80
C VAL B 140 -29.16 3.08 6.59
N GLU B 141 -30.00 3.85 5.90
CA GLU B 141 -30.79 4.86 6.59
C GLU B 141 -31.60 4.24 7.71
N ASP B 142 -32.29 3.14 7.41
CA ASP B 142 -33.09 2.45 8.41
C ASP B 142 -32.24 1.99 9.63
N LEU B 143 -31.23 1.16 9.40
CA LEU B 143 -30.43 0.64 10.53
C LEU B 143 -29.71 1.74 11.31
N ASN B 144 -29.26 2.78 10.62
CA ASN B 144 -28.58 3.90 11.30
C ASN B 144 -29.54 4.73 12.15
N SER B 145 -30.83 4.65 11.89
CA SER B 145 -31.83 5.36 12.70
C SER B 145 -32.42 4.50 13.85
N ARG B 146 -32.05 3.21 13.92
CA ARG B 146 -32.41 2.37 15.07
C ARG B 146 -31.41 2.54 16.21
N GLU B 147 -31.86 2.57 17.46
CA GLU B 147 -30.94 2.71 18.59
C GLU B 147 -30.05 1.47 18.70
N GLN B 148 -28.75 1.65 18.88
CA GLN B 148 -27.85 0.52 19.09
C GLN B 148 -28.03 0.04 20.55
N GLU B 149 -28.10 -1.25 20.75
CA GLU B 149 -28.23 -1.75 22.10
C GLU B 149 -27.09 -2.73 22.42
N THR B 150 -26.51 -3.29 21.37
CA THR B 150 -25.54 -4.33 21.53
C THR B 150 -24.17 -3.88 20.97
N CYS B 151 -24.21 -3.00 19.99
CA CYS B 151 -23.04 -2.65 19.15
C CYS B 151 -22.46 -3.81 18.34
N GLN B 152 -23.21 -4.92 18.21
CA GLN B 152 -22.82 -6.00 17.29
C GLN B 152 -22.95 -5.51 15.82
N PRO B 153 -21.87 -5.62 15.03
CA PRO B 153 -21.91 -5.11 13.64
C PRO B 153 -22.63 -6.02 12.68
N VAL B 154 -23.29 -5.42 11.71
CA VAL B 154 -23.81 -6.16 10.56
C VAL B 154 -23.21 -5.55 9.29
N HIS B 155 -22.63 -6.40 8.45
CA HIS B 155 -22.02 -6.00 7.19
C HIS B 155 -23.08 -5.90 6.12
N VAL B 156 -23.08 -4.76 5.41
CA VAL B 156 -24.04 -4.50 4.36
C VAL B 156 -23.23 -4.31 3.05
N VAL B 157 -23.56 -5.12 2.05
CA VAL B 157 -22.85 -5.10 0.78
C VAL B 157 -23.87 -4.90 -0.32
N ASN B 158 -23.54 -4.01 -1.25
CA ASN B 158 -24.37 -3.82 -2.45
C ASN B 158 -23.78 -4.42 -3.69
N VAL B 159 -24.63 -5.01 -4.53
CA VAL B 159 -24.29 -5.27 -5.95
C VAL B 159 -25.43 -4.74 -6.80
N ASP B 160 -25.14 -3.87 -7.78
CA ASP B 160 -26.18 -3.42 -8.69
C ASP B 160 -26.65 -4.54 -9.61
N ILE B 161 -27.91 -4.95 -9.42
CA ILE B 161 -28.49 -5.95 -10.30
C ILE B 161 -29.73 -5.38 -10.99
N GLN B 162 -29.77 -5.48 -12.31
CA GLN B 162 -30.94 -4.98 -13.06
C GLN B 162 -32.18 -5.80 -12.74
N ASP B 163 -33.32 -5.12 -12.68
CA ASP B 163 -34.55 -5.77 -12.31
C ASP B 163 -35.23 -6.45 -13.52
N ASN B 164 -34.65 -7.55 -14.00
CA ASN B 164 -35.34 -8.43 -14.96
C ASN B 164 -34.95 -9.87 -14.59
N HIS B 165 -35.65 -10.87 -15.13
CA HIS B 165 -35.46 -12.26 -14.67
C HIS B 165 -34.05 -12.77 -14.90
N GLU B 166 -33.49 -12.46 -16.06
CA GLU B 166 -32.17 -12.97 -16.42
C GLU B 166 -31.06 -12.41 -15.52
N GLU B 167 -31.03 -11.09 -15.33
CA GLU B 167 -30.06 -10.44 -14.44
C GLU B 167 -30.29 -10.85 -13.00
N ALA B 168 -31.54 -11.03 -12.60
CA ALA B 168 -31.85 -11.54 -11.26
C ALA B 168 -31.19 -12.90 -11.02
N THR B 169 -31.28 -13.80 -11.99
CA THR B 169 -30.72 -15.15 -11.90
C THR B 169 -29.19 -15.07 -11.81
N LEU B 170 -28.62 -14.21 -12.63
CA LEU B 170 -27.17 -14.09 -12.65
C LEU B 170 -26.68 -13.49 -11.33
N GLY B 171 -27.42 -12.49 -10.87
CA GLY B 171 -27.11 -11.76 -9.65
C GLY B 171 -27.18 -12.70 -8.46
N ALA B 172 -28.21 -13.54 -8.45
CA ALA B 172 -28.39 -14.54 -7.39
C ALA B 172 -27.22 -15.53 -7.35
N PHE B 173 -26.74 -15.99 -8.50
CA PHE B 173 -25.59 -16.90 -8.51
C PHE B 173 -24.28 -16.22 -8.06
N LEU B 174 -24.11 -14.94 -8.40
CA LEU B 174 -22.97 -14.17 -7.92
C LEU B 174 -23.02 -13.99 -6.39
N ILE B 175 -24.21 -13.64 -5.89
CA ILE B 175 -24.45 -13.55 -4.47
C ILE B 175 -24.16 -14.88 -3.76
N CYS B 176 -24.64 -15.98 -4.35
CA CYS B 176 -24.36 -17.31 -3.80
C CYS B 176 -22.85 -17.58 -3.77
N GLU B 177 -22.15 -17.23 -4.86
CA GLU B 177 -20.69 -17.38 -4.91
C GLU B 177 -20.00 -16.57 -3.81
N LEU B 178 -20.42 -15.32 -3.65
CA LEU B 178 -19.88 -14.49 -2.58
C LEU B 178 -20.15 -15.09 -1.19
N CYS B 179 -21.36 -15.55 -0.94
CA CYS B 179 -21.71 -16.09 0.37
C CYS B 179 -20.92 -17.36 0.64
N GLN B 180 -20.73 -18.16 -0.39
CA GLN B 180 -19.85 -19.33 -0.33
C GLN B 180 -18.43 -19.01 0.09
N CYS B 181 -17.82 -18.03 -0.58
CA CYS B 181 -16.49 -17.59 -0.22
C CYS B 181 -16.43 -17.17 1.22
N ILE B 182 -17.35 -16.29 1.62
CA ILE B 182 -17.37 -15.76 2.99
C ILE B 182 -17.43 -16.90 4.00
N GLN B 183 -18.37 -17.82 3.80
CA GLN B 183 -18.42 -19.05 4.62
C GLN B 183 -17.13 -19.87 4.71
N HIS B 184 -16.30 -19.85 3.67
CA HIS B 184 -15.04 -20.59 3.71
C HIS B 184 -13.92 -19.80 4.39
N THR B 185 -14.13 -18.52 4.63
CA THR B 185 -13.06 -17.75 5.24
C THR B 185 -12.97 -18.01 6.73
N GLU B 186 -11.73 -18.06 7.18
CA GLU B 186 -11.36 -18.10 8.60
C GLU B 186 -12.10 -17.02 9.41
N ASP B 187 -12.04 -15.78 8.93
CA ASP B 187 -12.39 -14.62 9.74
C ASP B 187 -13.11 -13.65 8.83
N MET B 188 -14.45 -13.67 8.86
CA MET B 188 -15.23 -12.92 7.89
C MET B 188 -14.90 -11.40 7.93
N GLU B 189 -14.92 -10.81 9.11
CA GLU B 189 -14.68 -9.36 9.19
C GLU B 189 -13.30 -8.96 8.70
N ASN B 190 -12.32 -9.80 8.98
CA ASN B 190 -10.95 -9.47 8.59
C ASN B 190 -10.65 -9.70 7.09
N GLU B 191 -11.42 -10.57 6.44
CA GLU B 191 -11.14 -10.93 5.02
C GLU B 191 -12.16 -10.46 3.97
N ILE B 192 -13.31 -9.99 4.43
CA ILE B 192 -14.42 -9.67 3.52
C ILE B 192 -14.03 -8.58 2.53
N ASP B 193 -13.30 -7.55 2.97
CA ASP B 193 -12.94 -6.50 1.98
C ASP B 193 -11.99 -7.01 0.88
N GLU B 194 -10.99 -7.77 1.27
CA GLU B 194 -10.11 -8.44 0.27
C GLU B 194 -10.93 -9.34 -0.71
N LEU B 195 -11.82 -10.15 -0.14
CA LEU B 195 -12.76 -10.93 -0.95
C LEU B 195 -13.62 -10.09 -1.91
N LEU B 196 -14.21 -9.01 -1.42
CA LEU B 196 -15.01 -8.16 -2.28
C LEU B 196 -14.16 -7.55 -3.39
N GLN B 197 -12.94 -7.14 -3.07
CA GLN B 197 -12.01 -6.59 -4.10
C GLN B 197 -11.69 -7.63 -5.19
N GLU B 198 -11.36 -8.87 -4.81
CA GLU B 198 -11.26 -9.98 -5.79
C GLU B 198 -12.53 -10.14 -6.65
N PHE B 199 -13.70 -10.13 -6.01
CA PHE B 199 -14.99 -10.18 -6.73
C PHE B 199 -15.21 -9.02 -7.67
N GLU B 200 -14.75 -7.82 -7.29
CA GLU B 200 -14.81 -6.68 -8.21
C GLU B 200 -13.97 -6.88 -9.47
N GLU B 201 -12.73 -7.29 -9.26
CA GLU B 201 -11.82 -7.54 -10.33
C GLU B 201 -12.33 -8.69 -11.24
N LYS B 202 -12.83 -9.77 -10.64
CA LYS B 202 -13.31 -10.93 -11.42
C LYS B 202 -14.59 -10.63 -12.20
N SER B 203 -15.53 -9.94 -11.55
CA SER B 203 -16.84 -9.67 -12.13
C SER B 203 -16.95 -8.36 -12.89
N GLY B 204 -16.04 -7.41 -12.68
CA GLY B 204 -16.21 -6.08 -13.29
C GLY B 204 -17.36 -5.24 -12.69
N ARG B 205 -17.94 -5.71 -11.58
CA ARG B 205 -19.04 -5.02 -10.88
C ARG B 205 -18.59 -4.47 -9.52
N THR B 206 -19.09 -3.29 -9.14
CA THR B 206 -18.69 -2.64 -7.89
C THR B 206 -19.51 -3.15 -6.68
N PHE B 207 -18.82 -3.36 -5.56
CA PHE B 207 -19.42 -3.84 -4.31
C PHE B 207 -19.22 -2.82 -3.18
N LEU B 208 -20.22 -1.95 -2.95
CA LEU B 208 -20.21 -1.05 -1.81
C LEU B 208 -20.27 -1.87 -0.54
N HIS B 209 -19.62 -1.40 0.51
CA HIS B 209 -19.49 -2.18 1.71
C HIS B 209 -19.46 -1.25 2.93
N THR B 210 -20.35 -1.50 3.89
CA THR B 210 -20.39 -0.69 5.09
C THR B 210 -20.81 -1.57 6.23
N VAL B 211 -20.75 -1.04 7.46
CA VAL B 211 -21.31 -1.77 8.61
C VAL B 211 -22.32 -0.86 9.28
N CYS B 212 -23.37 -1.47 9.82
CA CYS B 212 -24.30 -0.87 10.75
C CYS B 212 -24.27 -1.69 12.04
N PHE B 213 -24.91 -1.16 13.07
CA PHE B 213 -24.77 -1.73 14.41
C PHE B 213 -26.09 -2.04 15.06
N TYR B 214 -26.18 -3.22 15.65
CA TYR B 214 -27.35 -3.56 16.47
C TYR B 214 -27.25 -3.07 17.91
N MET C 21 50.93 19.11 -43.08
CA MET C 21 50.06 18.29 -42.19
C MET C 21 48.56 18.40 -42.55
N THR C 22 48.12 17.61 -43.53
CA THR C 22 46.68 17.51 -43.87
C THR C 22 45.94 16.68 -42.83
N THR C 23 44.63 16.86 -42.73
CA THR C 23 43.82 16.05 -41.79
C THR C 23 44.09 14.56 -42.03
N SER C 24 44.04 14.17 -43.31
CA SER C 24 44.31 12.80 -43.74
C SER C 24 45.70 12.30 -43.37
N GLU C 25 46.71 13.15 -43.58
CA GLU C 25 48.08 12.83 -43.15
C GLU C 25 48.20 12.73 -41.62
N ARG C 26 47.58 13.69 -40.93
CA ARG C 26 47.58 13.75 -39.47
C ARG C 26 47.07 12.41 -38.91
N VAL C 27 45.99 11.92 -39.54
CA VAL C 27 45.37 10.63 -39.20
C VAL C 27 46.26 9.44 -39.56
N VAL C 28 46.92 9.48 -40.73
CA VAL C 28 47.84 8.41 -41.15
C VAL C 28 48.93 8.19 -40.10
N ASP C 29 49.43 9.28 -39.52
CA ASP C 29 50.50 9.24 -38.55
C ASP C 29 50.04 8.59 -37.24
N LEU C 30 48.93 9.11 -36.70
CA LEU C 30 48.31 8.57 -35.50
C LEU C 30 48.07 7.06 -35.60
N LEU C 31 47.64 6.59 -36.76
CA LEU C 31 47.44 5.15 -37.01
C LEU C 31 48.73 4.33 -36.98
N ASN C 32 49.81 4.89 -37.54
CA ASN C 32 51.15 4.29 -37.45
C ASN C 32 51.64 4.29 -35.98
N GLN C 33 51.30 5.35 -35.27
CA GLN C 33 51.59 5.50 -33.86
C GLN C 33 50.88 4.43 -33.02
N ALA C 34 49.58 4.26 -33.29
CA ALA C 34 48.76 3.28 -32.57
C ALA C 34 49.21 1.85 -32.83
N ALA C 35 49.57 1.57 -34.09
CA ALA C 35 50.03 0.24 -34.49
C ALA C 35 51.30 -0.18 -33.76
N LEU C 36 52.04 0.78 -33.22
CA LEU C 36 53.29 0.49 -32.50
C LEU C 36 53.16 0.35 -30.97
N ILE C 37 52.27 1.13 -30.36
CA ILE C 37 52.06 1.04 -28.90
C ILE C 37 51.45 -0.31 -28.53
N THR C 38 51.98 -0.94 -27.49
CA THR C 38 51.48 -2.24 -27.03
C THR C 38 50.95 -2.17 -25.60
N ASN C 39 50.16 -1.14 -25.34
CA ASN C 39 49.36 -1.01 -24.11
C ASN C 39 48.18 -0.06 -24.35
N ASP C 40 47.35 0.16 -23.32
CA ASP C 40 46.10 0.91 -23.47
C ASP C 40 46.22 2.42 -23.71
N SER C 41 47.44 2.95 -23.70
CA SER C 41 47.64 4.35 -24.06
C SER C 41 47.35 4.57 -25.55
N LYS C 42 47.44 3.50 -26.34
CA LYS C 42 47.09 3.55 -27.77
C LYS C 42 45.65 4.06 -28.06
N ILE C 43 44.78 3.94 -27.07
CA ILE C 43 43.38 4.40 -27.15
C ILE C 43 43.24 5.92 -27.25
N THR C 44 44.10 6.66 -26.54
CA THR C 44 44.12 8.13 -26.57
C THR C 44 44.35 8.65 -27.98
N VAL C 45 45.27 7.97 -28.65
CA VAL C 45 45.59 8.19 -30.03
C VAL C 45 44.40 7.85 -30.94
N LEU C 46 43.79 6.69 -30.69
CA LEU C 46 42.67 6.21 -31.51
C LEU C 46 41.47 7.12 -31.36
N LYS C 47 41.24 7.61 -30.15
CA LYS C 47 40.15 8.53 -29.85
C LYS C 47 40.29 9.84 -30.61
N GLN C 48 41.53 10.28 -30.79
CA GLN C 48 41.82 11.48 -31.55
C GLN C 48 41.59 11.23 -33.03
N VAL C 49 42.02 10.06 -33.51
CA VAL C 49 41.70 9.63 -34.87
C VAL C 49 40.19 9.64 -35.10
N GLN C 50 39.42 9.17 -34.12
CA GLN C 50 37.97 9.10 -34.21
C GLN C 50 37.33 10.50 -34.28
N GLU C 51 37.77 11.38 -33.38
CA GLU C 51 37.36 12.78 -33.40
C GLU C 51 37.62 13.41 -34.79
N LEU C 52 38.79 13.13 -35.34
CA LEU C 52 39.17 13.67 -36.64
C LEU C 52 38.24 13.19 -37.74
N ILE C 53 38.07 11.87 -37.88
CA ILE C 53 37.29 11.31 -38.98
C ILE C 53 35.75 11.24 -38.81
N ILE C 54 35.23 11.54 -37.63
CA ILE C 54 33.77 11.56 -37.42
C ILE C 54 33.21 12.97 -37.26
N ASN C 55 33.94 13.81 -36.50
CA ASN C 55 33.47 15.14 -36.17
C ASN C 55 34.03 16.31 -36.98
N LYS C 56 35.35 16.35 -37.15
CA LYS C 56 35.98 17.49 -37.85
C LYS C 56 35.91 17.32 -39.36
N ASP C 57 35.92 16.07 -39.84
CA ASP C 57 35.80 15.79 -41.26
C ASP C 57 35.20 14.39 -41.56
N PRO C 58 33.86 14.30 -41.63
CA PRO C 58 33.16 13.04 -41.96
C PRO C 58 33.56 12.41 -43.30
N THR C 59 34.13 13.17 -44.23
CA THR C 59 34.40 12.68 -45.58
C THR C 59 35.59 11.72 -45.64
N LEU C 60 36.40 11.69 -44.58
CA LEU C 60 37.49 10.73 -44.44
C LEU C 60 37.04 9.41 -43.79
N LEU C 61 35.89 9.44 -43.12
CA LEU C 61 35.38 8.30 -42.32
C LEU C 61 35.50 6.98 -43.07
N ASP C 62 34.98 6.96 -44.30
CA ASP C 62 34.99 5.80 -45.17
C ASP C 62 36.41 5.32 -45.48
N ASN C 63 37.34 6.26 -45.59
CA ASN C 63 38.68 5.94 -46.06
C ASN C 63 39.58 5.23 -45.03
N PHE C 64 39.33 5.48 -43.75
CA PHE C 64 40.14 4.87 -42.70
C PHE C 64 39.35 3.89 -41.82
N LEU C 65 38.16 3.53 -42.28
CA LEU C 65 37.26 2.67 -41.54
C LEU C 65 37.92 1.33 -41.20
N ASP C 66 38.37 0.63 -42.23
CA ASP C 66 38.98 -0.69 -42.05
C ASP C 66 40.12 -0.67 -41.02
N GLU C 67 40.90 0.42 -41.01
CA GLU C 67 42.08 0.54 -40.13
C GLU C 67 41.67 0.53 -38.67
N ILE C 68 40.62 1.27 -38.36
CA ILE C 68 40.11 1.34 -37.00
C ILE C 68 39.46 0.00 -36.60
N ILE C 69 38.63 -0.54 -37.50
CA ILE C 69 37.88 -1.76 -37.25
C ILE C 69 38.83 -2.93 -37.01
N ALA C 70 39.99 -2.91 -37.67
CA ALA C 70 41.00 -3.94 -37.50
C ALA C 70 41.46 -4.07 -36.04
N PHE C 71 41.23 -3.02 -35.25
CA PHE C 71 41.59 -3.12 -33.83
C PHE C 71 40.62 -3.97 -32.99
N GLN C 72 39.55 -4.44 -33.63
CA GLN C 72 38.61 -5.37 -32.99
C GLN C 72 39.28 -6.67 -32.52
N ALA C 73 40.45 -6.99 -33.09
CA ALA C 73 41.16 -8.23 -32.83
C ALA C 73 42.24 -8.03 -31.77
N ASP C 74 42.39 -6.79 -31.30
CA ASP C 74 43.38 -6.42 -30.27
C ASP C 74 43.08 -7.17 -28.97
N LYS C 75 44.13 -7.65 -28.29
CA LYS C 75 43.94 -8.46 -27.07
C LYS C 75 43.48 -7.63 -25.88
N SER C 76 43.63 -6.30 -25.96
CA SER C 76 43.18 -5.44 -24.88
C SER C 76 41.65 -5.27 -24.91
N ILE C 77 41.02 -5.53 -23.74
CA ILE C 77 39.60 -5.37 -23.49
C ILE C 77 39.21 -3.91 -23.76
N GLU C 78 40.01 -2.97 -23.28
CA GLU C 78 39.66 -1.58 -23.47
C GLU C 78 39.75 -1.12 -24.93
N VAL C 79 40.69 -1.68 -25.69
CA VAL C 79 40.74 -1.33 -27.10
C VAL C 79 39.49 -1.86 -27.83
N ARG C 80 39.07 -3.11 -27.54
CA ARG C 80 37.85 -3.67 -28.17
C ARG C 80 36.62 -2.82 -27.80
N LYS C 81 36.55 -2.37 -26.56
CA LYS C 81 35.45 -1.52 -26.12
C LYS C 81 35.48 -0.22 -26.90
N PHE C 82 36.68 0.31 -27.11
CA PHE C 82 36.83 1.49 -27.91
C PHE C 82 36.29 1.26 -29.33
N VAL C 83 36.61 0.13 -29.94
CA VAL C 83 36.11 -0.16 -31.30
C VAL C 83 34.57 -0.16 -31.32
N ILE C 84 33.98 -0.78 -30.30
CA ILE C 84 32.51 -0.78 -30.16
C ILE C 84 31.95 0.63 -30.12
N GLY C 85 32.53 1.48 -29.25
CA GLY C 85 32.17 2.92 -29.20
C GLY C 85 32.31 3.62 -30.55
N PHE C 86 33.40 3.34 -31.26
CA PHE C 86 33.67 3.93 -32.55
C PHE C 86 32.58 3.55 -33.58
N ILE C 87 32.21 2.27 -33.62
CA ILE C 87 31.10 1.79 -34.48
C ILE C 87 29.81 2.53 -34.11
N GLU C 88 29.59 2.70 -32.80
CA GLU C 88 28.41 3.43 -32.39
C GLU C 88 28.38 4.84 -32.98
N GLU C 89 29.46 5.59 -32.78
CA GLU C 89 29.49 6.97 -33.30
C GLU C 89 29.49 7.03 -34.82
N ALA C 90 30.15 6.07 -35.47
CA ALA C 90 30.21 6.07 -36.93
C ALA C 90 28.81 5.86 -37.54
N CYS C 91 28.07 4.89 -37.00
CA CYS C 91 26.67 4.63 -37.43
C CYS C 91 25.68 5.75 -37.08
N LYS C 92 25.90 6.46 -35.97
CA LYS C 92 25.05 7.62 -35.66
C LYS C 92 25.29 8.76 -36.66
N ARG C 93 26.54 8.92 -37.09
CA ARG C 93 26.92 9.91 -38.10
C ARG C 93 26.42 9.50 -39.49
N ASP C 94 26.55 8.22 -39.83
CA ASP C 94 26.03 7.70 -41.10
C ASP C 94 25.52 6.27 -40.97
N ILE C 95 24.21 6.15 -40.83
CA ILE C 95 23.57 4.86 -40.49
C ILE C 95 23.81 3.79 -41.58
N GLU C 96 24.10 4.25 -42.78
CA GLU C 96 24.41 3.36 -43.88
C GLU C 96 25.62 2.50 -43.64
N LEU C 97 26.53 2.98 -42.78
CA LEU C 97 27.70 2.22 -42.40
C LEU C 97 27.34 0.93 -41.65
N LEU C 98 26.13 0.87 -41.11
CA LEU C 98 25.68 -0.35 -40.46
C LEU C 98 25.65 -1.54 -41.43
N LEU C 99 25.49 -1.29 -42.74
CA LEU C 99 25.56 -2.38 -43.73
C LEU C 99 26.89 -3.13 -43.62
N LYS C 100 27.99 -2.42 -43.37
CA LYS C 100 29.28 -3.10 -43.25
C LYS C 100 29.71 -3.47 -41.83
N LEU C 101 29.08 -2.87 -40.82
CA LEU C 101 29.56 -3.03 -39.45
C LEU C 101 28.69 -3.94 -38.59
N ILE C 102 27.50 -4.30 -39.07
CA ILE C 102 26.60 -5.10 -38.23
C ILE C 102 27.19 -6.45 -37.83
N ALA C 103 27.90 -7.09 -38.78
CA ALA C 103 28.52 -8.38 -38.49
C ALA C 103 29.60 -8.20 -37.41
N ASN C 104 30.36 -7.11 -37.50
CA ASN C 104 31.37 -6.78 -36.50
C ASN C 104 30.75 -6.58 -35.13
N LEU C 105 29.62 -5.89 -35.09
CA LEU C 105 28.96 -5.67 -33.83
C LEU C 105 28.42 -6.97 -33.27
N ASN C 106 27.79 -7.80 -34.10
CA ASN C 106 27.35 -9.05 -33.57
C ASN C 106 28.51 -9.95 -33.12
N MET C 107 29.65 -9.87 -33.80
CA MET C 107 30.77 -10.68 -33.31
C MET C 107 31.26 -10.21 -31.92
N LEU C 108 31.34 -8.89 -31.74
CA LEU C 108 31.75 -8.32 -30.47
C LEU C 108 30.76 -8.60 -29.32
N LEU C 109 29.48 -8.76 -29.62
CA LEU C 109 28.48 -9.12 -28.63
C LEU C 109 28.77 -10.51 -28.14
N ARG C 110 29.53 -11.27 -28.94
CA ARG C 110 29.88 -12.63 -28.57
C ARG C 110 31.34 -12.74 -28.13
N ASP C 111 31.89 -11.63 -27.68
CA ASP C 111 33.28 -11.60 -27.19
C ASP C 111 33.49 -12.50 -25.97
N GLU C 112 34.71 -13.03 -25.81
CA GLU C 112 35.04 -13.83 -24.63
C GLU C 112 35.01 -13.05 -23.30
N ASN C 113 35.19 -11.73 -23.36
CA ASN C 113 35.27 -10.96 -22.12
C ASN C 113 33.94 -10.26 -21.85
N VAL C 114 33.41 -10.41 -20.63
CA VAL C 114 32.09 -9.88 -20.34
C VAL C 114 31.94 -8.38 -20.57
N ASN C 115 33.00 -7.61 -20.27
CA ASN C 115 32.96 -6.15 -20.41
C ASN C 115 32.85 -5.66 -21.86
N VAL C 116 33.44 -6.41 -22.78
CA VAL C 116 33.24 -6.11 -24.19
C VAL C 116 31.76 -6.43 -24.54
N VAL C 117 31.23 -7.57 -24.07
CA VAL C 117 29.83 -7.95 -24.36
C VAL C 117 28.86 -6.88 -23.85
N LYS C 118 29.08 -6.45 -22.61
CA LYS C 118 28.22 -5.38 -22.01
C LYS C 118 28.25 -4.06 -22.78
N LYS C 119 29.44 -3.65 -23.16
CA LYS C 119 29.59 -2.49 -24.05
C LYS C 119 28.80 -2.65 -25.36
N ALA C 120 28.85 -3.81 -25.99
CA ALA C 120 28.05 -4.06 -27.21
C ALA C 120 26.55 -3.94 -26.95
N ILE C 121 26.10 -4.43 -25.80
CA ILE C 121 24.67 -4.29 -25.42
C ILE C 121 24.29 -2.82 -25.33
N LEU C 122 25.13 -1.98 -24.68
CA LEU C 122 24.83 -0.53 -24.56
C LEU C 122 24.81 0.12 -25.93
N THR C 123 25.71 -0.31 -26.79
CA THR C 123 25.74 0.28 -28.11
C THR C 123 24.49 -0.11 -28.90
N MET C 124 24.03 -1.35 -28.73
CA MET C 124 22.77 -1.79 -29.37
C MET C 124 21.55 -1.03 -28.83
N THR C 125 21.61 -0.64 -27.55
CA THR C 125 20.55 0.13 -26.92
C THR C 125 20.42 1.51 -27.63
N GLN C 126 21.51 1.99 -28.21
CA GLN C 126 21.48 3.20 -29.05
C GLN C 126 21.14 2.89 -30.51
N LEU C 127 21.81 1.89 -31.08
CA LEU C 127 21.69 1.65 -32.51
C LEU C 127 20.39 0.98 -32.98
N TYR C 128 19.73 0.19 -32.12
CA TYR C 128 18.50 -0.44 -32.55
C TYR C 128 17.46 0.60 -33.04
N LYS C 129 17.21 1.64 -32.23
CA LYS C 129 16.23 2.65 -32.62
C LYS C 129 16.70 3.53 -33.77
N VAL C 130 17.99 3.74 -33.89
CA VAL C 130 18.51 4.45 -35.07
C VAL C 130 18.31 3.63 -36.34
N ALA C 131 18.60 2.33 -36.32
CA ALA C 131 18.32 1.48 -37.49
C ALA C 131 16.85 1.42 -37.83
N LEU C 132 16.01 1.37 -36.80
CA LEU C 132 14.58 1.27 -37.04
C LEU C 132 14.05 2.55 -37.70
N GLN C 133 14.47 3.69 -37.20
CA GLN C 133 14.05 4.96 -37.82
C GLN C 133 14.49 5.03 -39.28
N TRP C 134 15.73 4.61 -39.56
CA TRP C 134 16.23 4.51 -40.92
C TRP C 134 15.32 3.61 -41.82
N MET C 135 14.99 2.43 -41.31
CA MET C 135 14.09 1.52 -42.05
C MET C 135 12.72 2.18 -42.29
N VAL C 136 12.20 2.87 -41.28
CA VAL C 136 10.85 3.48 -41.41
C VAL C 136 10.83 4.68 -42.35
N LYS C 137 11.88 5.50 -42.28
CA LYS C 137 12.01 6.67 -43.15
C LYS C 137 12.28 6.35 -44.63
N SER C 138 12.87 5.20 -44.91
CA SER C 138 13.13 4.76 -46.27
C SER C 138 11.85 4.21 -46.92
N ARG C 139 11.63 4.53 -48.19
CA ARG C 139 10.58 3.84 -48.97
C ARG C 139 11.19 2.84 -49.99
N VAL C 140 12.34 3.16 -50.56
CA VAL C 140 13.07 2.20 -51.39
C VAL C 140 14.26 1.63 -50.64
N ILE C 141 14.27 0.32 -50.48
CA ILE C 141 15.24 -0.34 -49.66
C ILE C 141 15.79 -1.57 -50.35
N SER C 142 17.09 -1.61 -50.50
CA SER C 142 17.81 -2.72 -51.13
C SER C 142 17.72 -4.02 -50.30
N GLU C 143 18.03 -5.14 -50.94
CA GLU C 143 18.10 -6.43 -50.28
C GLU C 143 19.10 -6.40 -49.13
N LEU C 144 20.23 -5.74 -49.35
CA LEU C 144 21.24 -5.66 -48.29
C LEU C 144 20.78 -4.81 -47.08
N GLN C 145 20.09 -3.71 -47.33
CA GLN C 145 19.54 -2.92 -46.21
C GLN C 145 18.52 -3.77 -45.43
N GLU C 146 17.69 -4.54 -46.13
CA GLU C 146 16.77 -5.41 -45.39
C GLU C 146 17.47 -6.44 -44.52
N ALA C 147 18.48 -7.10 -45.11
CA ALA C 147 19.31 -8.09 -44.39
C ALA C 147 19.92 -7.44 -43.16
N CYS C 148 20.40 -6.21 -43.32
CA CYS C 148 21.00 -5.50 -42.20
C CYS C 148 19.96 -5.37 -41.07
N TRP C 149 18.74 -4.93 -41.43
CA TRP C 149 17.67 -4.82 -40.45
C TRP C 149 17.37 -6.20 -39.81
N ASP C 150 17.35 -7.29 -40.61
CA ASP C 150 17.10 -8.64 -40.03
C ASP C 150 18.22 -8.96 -39.04
N MET C 151 19.41 -8.48 -39.33
CA MET C 151 20.50 -8.79 -38.41
C MET C 151 20.36 -7.98 -37.13
N VAL C 152 19.96 -6.71 -37.26
CA VAL C 152 19.70 -5.87 -36.09
C VAL C 152 18.60 -6.49 -35.22
N SER C 153 17.50 -6.85 -35.87
CA SER C 153 16.40 -7.46 -35.19
C SER C 153 16.76 -8.78 -34.47
N ALA C 154 17.54 -9.63 -35.14
CA ALA C 154 17.96 -10.91 -34.57
C ALA C 154 18.91 -10.69 -33.40
N MET C 155 19.77 -9.68 -33.50
CA MET C 155 20.69 -9.32 -32.43
C MET C 155 19.92 -8.84 -31.21
N ALA C 156 18.81 -8.14 -31.44
CA ALA C 156 17.96 -7.73 -30.35
C ALA C 156 17.30 -8.94 -29.65
N GLY C 157 16.84 -9.91 -30.44
CA GLY C 157 16.34 -11.17 -29.88
C GLY C 157 17.44 -11.86 -29.07
N ASP C 158 18.66 -11.84 -29.59
CA ASP C 158 19.77 -12.44 -28.83
C ASP C 158 19.98 -11.78 -27.44
N ILE C 159 19.90 -10.45 -27.37
CA ILE C 159 20.04 -9.75 -26.10
C ILE C 159 18.88 -10.10 -25.15
N ILE C 160 17.67 -10.24 -25.68
CA ILE C 160 16.58 -10.66 -24.82
C ILE C 160 16.89 -12.01 -24.18
N LEU C 161 17.47 -12.94 -24.96
CA LEU C 161 17.88 -14.22 -24.39
C LEU C 161 18.97 -14.04 -23.31
N LEU C 162 19.77 -12.96 -23.38
CA LEU C 162 20.80 -12.74 -22.32
C LEU C 162 20.24 -12.40 -20.93
N LEU C 163 18.93 -12.17 -20.83
CA LEU C 163 18.24 -12.24 -19.52
C LEU C 163 18.49 -13.57 -18.81
N ASP C 164 18.73 -14.64 -19.58
CA ASP C 164 19.03 -15.94 -18.97
C ASP C 164 20.54 -16.23 -18.85
N SER C 165 21.40 -15.23 -19.08
CA SER C 165 22.87 -15.35 -18.83
C SER C 165 23.12 -15.75 -17.38
N ASP C 166 24.22 -16.47 -17.15
CA ASP C 166 24.64 -16.75 -15.78
C ASP C 166 25.44 -15.62 -15.14
N ASN C 167 25.62 -14.53 -15.90
CA ASN C 167 26.42 -13.39 -15.43
C ASN C 167 25.50 -12.24 -14.98
N ASP C 168 25.72 -11.76 -13.77
CA ASP C 168 24.84 -10.70 -13.24
C ASP C 168 24.92 -9.40 -14.03
N GLY C 169 26.12 -9.01 -14.43
CA GLY C 169 26.34 -7.76 -15.20
C GLY C 169 25.72 -7.84 -16.60
N ILE C 170 25.83 -9.00 -17.21
CA ILE C 170 25.21 -9.17 -18.51
C ILE C 170 23.70 -9.05 -18.37
N ARG C 171 23.11 -9.68 -17.34
CA ARG C 171 21.67 -9.56 -17.13
C ARG C 171 21.20 -8.14 -16.92
N THR C 172 21.91 -7.38 -16.09
CA THR C 172 21.62 -5.96 -15.87
C THR C 172 21.61 -5.16 -17.18
N HIS C 173 22.60 -5.39 -18.03
CA HIS C 173 22.62 -4.68 -19.31
C HIS C 173 21.51 -5.14 -20.24
N ALA C 174 21.21 -6.44 -20.23
CA ALA C 174 20.13 -6.96 -21.08
C ALA C 174 18.80 -6.34 -20.67
N ILE C 175 18.61 -6.18 -19.35
CA ILE C 175 17.38 -5.53 -18.84
C ILE C 175 17.21 -4.13 -19.40
N LYS C 176 18.30 -3.36 -19.39
CA LYS C 176 18.26 -1.99 -19.93
C LYS C 176 17.96 -1.96 -21.43
N PHE C 177 18.55 -2.89 -22.16
CA PHE C 177 18.23 -3.00 -23.59
C PHE C 177 16.76 -3.34 -23.80
N VAL C 178 16.25 -4.30 -23.04
CA VAL C 178 14.89 -4.73 -23.17
C VAL C 178 13.90 -3.61 -22.82
N GLU C 179 14.22 -2.85 -21.76
CA GLU C 179 13.47 -1.65 -21.40
C GLU C 179 13.29 -0.73 -22.60
N GLY C 180 14.42 -0.41 -23.25
CA GLY C 180 14.42 0.47 -24.41
C GLY C 180 13.63 -0.12 -25.56
N LEU C 181 13.72 -1.44 -25.73
CA LEU C 181 12.98 -2.10 -26.80
C LEU C 181 11.46 -2.01 -26.60
N ILE C 182 11.02 -2.27 -25.38
CA ILE C 182 9.59 -2.20 -25.05
C ILE C 182 9.05 -0.80 -25.34
N VAL C 183 9.80 0.21 -24.94
CA VAL C 183 9.38 1.61 -25.14
C VAL C 183 9.36 1.94 -26.64
N THR C 184 10.43 1.55 -27.34
CA THR C 184 10.48 1.77 -28.80
C THR C 184 9.35 1.06 -29.54
N LEU C 185 9.01 -0.15 -29.13
CA LEU C 185 8.02 -0.95 -29.87
C LEU C 185 6.61 -0.88 -29.26
N SER C 186 6.31 0.22 -28.58
CA SER C 186 4.93 0.49 -28.18
C SER C 186 4.62 1.94 -28.51
N PRO C 187 3.30 2.29 -28.61
CA PRO C 187 2.99 3.66 -29.03
C PRO C 187 3.01 4.71 -27.91
N ARG C 188 3.56 5.85 -28.26
CA ARG C 188 3.53 7.01 -27.43
C ARG C 188 2.08 7.48 -27.37
N MET C 189 1.62 7.92 -26.20
CA MET C 189 0.27 8.49 -26.07
C MET C 189 0.33 9.93 -25.54
N ALA C 190 -0.81 10.62 -25.57
CA ALA C 190 -0.95 11.99 -25.00
C ALA C 190 -0.33 12.18 -23.60
N ASP C 191 -0.49 11.19 -22.72
CA ASP C 191 0.03 11.29 -21.35
C ASP C 191 1.40 10.62 -21.10
N SER C 192 2.11 10.30 -22.18
CA SER C 192 3.46 9.74 -22.08
C SER C 192 4.39 10.83 -21.64
N GLU C 193 5.24 10.52 -20.67
CA GLU C 193 6.29 11.44 -20.25
C GLU C 193 7.58 11.04 -20.87
N ILE C 194 8.06 11.86 -21.81
CA ILE C 194 9.22 11.51 -22.62
C ILE C 194 10.42 12.39 -22.23
N PRO C 195 11.56 11.76 -21.88
CA PRO C 195 12.78 12.50 -21.59
C PRO C 195 13.16 13.36 -22.78
N ARG C 196 13.71 14.53 -22.53
CA ARG C 196 13.91 15.51 -23.61
C ARG C 196 14.83 14.98 -24.68
N ARG C 197 15.83 14.23 -24.25
CA ARG C 197 16.76 13.64 -25.19
C ARG C 197 16.08 12.65 -26.16
N GLN C 198 15.01 11.99 -25.69
CA GLN C 198 14.36 10.95 -26.51
C GLN C 198 13.15 11.47 -27.29
N GLU C 199 12.98 12.79 -27.34
CA GLU C 199 11.86 13.44 -28.03
C GLU C 199 11.63 12.98 -29.47
N HIS C 200 12.72 12.91 -30.23
CA HIS C 200 12.62 12.55 -31.62
C HIS C 200 12.91 11.07 -31.87
N ASP C 201 12.99 10.26 -30.81
CA ASP C 201 13.19 8.80 -30.95
C ASP C 201 12.00 8.20 -31.67
N ILE C 202 12.23 7.15 -32.46
CA ILE C 202 11.14 6.53 -33.19
C ILE C 202 10.38 5.74 -32.15
N SER C 203 9.10 5.56 -32.40
CA SER C 203 8.24 4.77 -31.54
C SER C 203 7.20 4.12 -32.44
N LEU C 204 6.48 3.14 -31.89
CA LEU C 204 5.60 2.32 -32.71
C LEU C 204 4.54 3.13 -33.49
N ASP C 205 4.03 4.18 -32.85
CA ASP C 205 3.01 5.05 -33.47
C ASP C 205 3.52 5.84 -34.68
N ARG C 206 4.84 5.91 -34.84
CA ARG C 206 5.43 6.60 -35.99
C ARG C 206 5.48 5.69 -37.22
N ILE C 207 5.03 4.45 -37.12
CA ILE C 207 5.22 3.50 -38.23
C ILE C 207 3.91 3.39 -38.99
N PRO C 208 3.90 3.76 -40.28
CA PRO C 208 2.64 3.63 -41.03
C PRO C 208 2.20 2.17 -41.14
N ARG C 209 0.89 1.97 -41.21
CA ARG C 209 0.33 0.62 -41.30
C ARG C 209 0.61 -0.02 -42.65
N ASP C 210 0.89 0.81 -43.66
CA ASP C 210 1.16 0.27 -44.97
C ASP C 210 2.64 0.41 -45.36
N HIS C 211 3.53 0.52 -44.37
CA HIS C 211 4.95 0.57 -44.72
C HIS C 211 5.34 -0.70 -45.53
N PRO C 212 6.12 -0.52 -46.60
CA PRO C 212 6.39 -1.73 -47.42
C PRO C 212 7.34 -2.78 -46.81
N TYR C 213 8.10 -2.45 -45.77
CA TYR C 213 9.02 -3.41 -45.20
C TYR C 213 8.84 -3.62 -43.69
N ILE C 214 8.65 -2.53 -42.95
CA ILE C 214 8.50 -2.63 -41.51
C ILE C 214 7.03 -2.83 -41.18
N GLN C 215 6.70 -3.95 -40.51
CA GLN C 215 5.31 -4.28 -40.20
C GLN C 215 4.92 -3.91 -38.77
N TYR C 216 4.01 -2.96 -38.67
CA TYR C 216 3.51 -2.46 -37.39
C TYR C 216 3.04 -3.57 -36.45
N ASN C 217 2.23 -4.49 -36.98
CA ASN C 217 1.68 -5.58 -36.18
C ASN C 217 2.73 -6.56 -35.64
N VAL C 218 3.74 -6.85 -36.44
CA VAL C 218 4.87 -7.70 -36.01
C VAL C 218 5.63 -7.02 -34.84
N LEU C 219 5.95 -5.74 -34.99
CA LEU C 219 6.72 -5.02 -33.96
C LEU C 219 5.90 -4.87 -32.66
N TRP C 220 4.59 -4.66 -32.81
CA TRP C 220 3.71 -4.62 -31.63
C TRP C 220 3.80 -5.91 -30.80
N GLU C 221 3.64 -7.07 -31.47
CA GLU C 221 3.76 -8.37 -30.83
C GLU C 221 5.17 -8.54 -30.18
N GLU C 222 6.21 -8.04 -30.85
CA GLU C 222 7.59 -8.11 -30.28
C GLU C 222 7.71 -7.26 -29.02
N GLY C 223 7.22 -6.03 -29.07
CA GLY C 223 7.17 -5.19 -27.87
C GLY C 223 6.49 -5.83 -26.66
N LYS C 224 5.28 -6.35 -26.88
CA LYS C 224 4.51 -7.09 -25.84
C LYS C 224 5.22 -8.34 -25.35
N ALA C 225 5.81 -9.13 -26.26
CA ALA C 225 6.50 -10.33 -25.86
C ALA C 225 7.76 -9.99 -24.99
N ALA C 226 8.40 -8.88 -25.30
CA ALA C 226 9.56 -8.43 -24.53
C ALA C 226 9.14 -8.01 -23.13
N LEU C 227 7.99 -7.34 -23.02
CA LEU C 227 7.51 -6.90 -21.74
C LEU C 227 7.12 -8.14 -20.93
N GLU C 228 6.46 -9.11 -21.59
CA GLU C 228 6.11 -10.36 -20.90
C GLU C 228 7.36 -11.08 -20.36
N GLN C 229 8.42 -11.11 -21.17
CA GLN C 229 9.70 -11.70 -20.73
C GLN C 229 10.28 -10.99 -19.50
N LEU C 230 10.19 -9.67 -19.49
CA LEU C 230 10.73 -8.88 -18.36
C LEU C 230 9.90 -9.13 -17.13
N LEU C 231 8.58 -9.22 -17.27
CA LEU C 231 7.71 -9.51 -16.11
C LEU C 231 7.94 -10.91 -15.54
N LYS C 232 8.12 -11.91 -16.41
CA LYS C 232 8.48 -13.27 -15.99
C LYS C 232 9.84 -13.32 -15.28
N PHE C 233 10.80 -12.61 -15.84
CA PHE C 233 12.14 -12.44 -15.22
C PHE C 233 12.04 -11.95 -13.78
N MET C 234 11.24 -10.93 -13.54
CA MET C 234 11.20 -10.34 -12.22
C MET C 234 10.60 -11.22 -11.11
N VAL C 235 9.83 -12.23 -11.51
CA VAL C 235 9.22 -13.16 -10.54
C VAL C 235 10.02 -14.43 -10.38
N HIS C 236 11.17 -14.55 -11.05
CA HIS C 236 11.98 -15.73 -10.81
C HIS C 236 12.54 -15.75 -9.37
N PRO C 237 12.39 -16.90 -8.68
CA PRO C 237 12.84 -16.97 -7.29
C PRO C 237 14.33 -16.63 -7.08
N ALA C 238 15.17 -16.88 -8.08
CA ALA C 238 16.62 -16.78 -7.86
C ALA C 238 17.15 -15.40 -8.27
N ILE C 239 16.26 -14.49 -8.60
CA ILE C 239 16.69 -13.20 -9.16
C ILE C 239 17.62 -12.48 -8.19
N SER C 240 18.64 -11.83 -8.75
CA SER C 240 19.63 -11.13 -7.92
C SER C 240 19.13 -9.78 -7.42
N SER C 241 19.73 -9.31 -6.34
CA SER C 241 19.45 -7.96 -5.80
C SER C 241 19.58 -6.88 -6.88
N ILE C 242 20.71 -6.91 -7.58
CA ILE C 242 20.94 -5.88 -8.60
C ILE C 242 20.03 -6.01 -9.85
N ASN C 243 19.77 -7.23 -10.32
CA ASN C 243 18.91 -7.40 -11.50
C ASN C 243 17.48 -7.01 -11.13
N LEU C 244 17.09 -7.28 -9.89
CA LEU C 244 15.76 -6.93 -9.44
C LEU C 244 15.62 -5.43 -9.32
N THR C 245 16.62 -4.75 -8.74
CA THR C 245 16.52 -3.27 -8.70
C THR C 245 16.53 -2.63 -10.09
N THR C 246 17.31 -3.20 -10.98
CA THR C 246 17.31 -2.69 -12.35
C THR C 246 15.93 -2.88 -12.96
N ALA C 247 15.37 -4.09 -12.86
CA ALA C 247 14.09 -4.36 -13.46
C ALA C 247 12.96 -3.44 -12.89
N LEU C 248 12.98 -3.22 -11.58
CA LEU C 248 12.07 -2.27 -10.91
C LEU C 248 12.11 -0.84 -11.52
N GLY C 249 13.32 -0.31 -11.69
CA GLY C 249 13.55 1.03 -12.32
C GLY C 249 13.09 1.01 -13.77
N SER C 250 13.43 -0.07 -14.50
CA SER C 250 13.03 -0.22 -15.89
C SER C 250 11.48 -0.19 -16.01
N LEU C 251 10.78 -0.90 -15.13
CA LEU C 251 9.30 -0.89 -15.17
C LEU C 251 8.71 0.47 -14.85
N ALA C 252 9.32 1.19 -13.93
CA ALA C 252 8.87 2.57 -13.63
C ALA C 252 9.07 3.49 -14.81
N ASN C 253 10.18 3.36 -15.52
CA ASN C 253 10.39 4.16 -16.75
C ASN C 253 9.38 3.79 -17.78
N ILE C 254 9.11 2.48 -17.90
CA ILE C 254 8.12 2.00 -18.89
C ILE C 254 6.71 2.54 -18.57
N ALA C 255 6.32 2.49 -17.30
CA ALA C 255 4.99 2.98 -16.89
C ALA C 255 4.79 4.46 -17.17
N ARG C 256 5.86 5.26 -17.02
CA ARG C 256 5.78 6.71 -17.22
C ARG C 256 5.80 7.10 -18.70
N GLN C 257 6.66 6.44 -19.46
CA GLN C 257 6.75 6.73 -20.88
C GLN C 257 5.60 6.06 -21.67
N ARG C 258 5.05 5.00 -21.11
CA ARG C 258 4.05 4.19 -21.80
C ARG C 258 2.96 3.81 -20.81
N PRO C 259 2.09 4.79 -20.44
CA PRO C 259 1.10 4.60 -19.37
C PRO C 259 0.09 3.48 -19.62
N MET C 260 -0.02 3.03 -20.86
CA MET C 260 -0.90 1.90 -21.17
C MET C 260 -0.45 0.63 -20.40
N PHE C 261 0.81 0.62 -19.95
CA PHE C 261 1.34 -0.55 -19.25
C PHE C 261 1.31 -0.34 -17.77
N MET C 262 0.65 0.72 -17.32
CA MET C 262 0.64 1.02 -15.88
C MET C 262 0.12 -0.14 -15.03
N SER C 263 -0.97 -0.81 -15.47
CA SER C 263 -1.59 -1.85 -14.63
C SER C 263 -0.66 -3.02 -14.48
N GLU C 264 0.04 -3.37 -15.56
CA GLU C 264 1.01 -4.46 -15.51
C GLU C 264 2.16 -4.16 -14.57
N VAL C 265 2.65 -2.92 -14.61
CA VAL C 265 3.76 -2.54 -13.76
C VAL C 265 3.31 -2.63 -12.28
N ILE C 266 2.15 -2.07 -11.98
CA ILE C 266 1.69 -2.06 -10.61
C ILE C 266 1.48 -3.48 -10.10
N GLN C 267 0.88 -4.35 -10.92
CA GLN C 267 0.72 -5.75 -10.55
C GLN C 267 2.06 -6.41 -10.26
N ALA C 268 3.05 -6.14 -11.11
CA ALA C 268 4.37 -6.74 -10.90
C ALA C 268 4.95 -6.27 -9.56
N TYR C 269 4.77 -4.99 -9.24
CA TYR C 269 5.20 -4.48 -7.94
C TYR C 269 4.47 -5.12 -6.77
N GLU C 270 3.15 -5.32 -6.89
CA GLU C 270 2.37 -5.98 -5.83
C GLU C 270 2.85 -7.42 -5.64
N THR C 271 3.11 -8.10 -6.76
CA THR C 271 3.57 -9.49 -6.73
C THR C 271 4.92 -9.61 -6.03
N LEU C 272 5.86 -8.73 -6.38
CA LEU C 272 7.16 -8.73 -5.74
C LEU C 272 7.05 -8.49 -4.23
N HIS C 273 6.27 -7.48 -3.86
CA HIS C 273 6.10 -7.16 -2.45
C HIS C 273 5.52 -8.35 -1.66
N ALA C 274 4.59 -9.09 -2.26
CA ALA C 274 3.99 -10.25 -1.59
C ALA C 274 4.89 -11.50 -1.58
N ASN C 275 5.96 -11.50 -2.37
CA ASN C 275 6.70 -12.72 -2.61
C ASN C 275 8.19 -12.43 -2.61
N LEU C 276 8.79 -12.23 -1.43
CA LEU C 276 10.21 -11.85 -1.40
C LEU C 276 11.12 -12.98 -1.95
N PRO C 277 11.98 -12.65 -2.94
CA PRO C 277 12.81 -13.70 -3.51
C PRO C 277 13.75 -14.24 -2.44
N PRO C 278 13.84 -15.56 -2.30
CA PRO C 278 14.45 -16.14 -1.11
C PRO C 278 15.98 -16.16 -1.13
N THR C 279 16.64 -15.86 -2.24
CA THR C 279 18.11 -15.86 -2.21
C THR C 279 18.69 -14.48 -1.85
N LEU C 280 17.82 -13.53 -1.50
CA LEU C 280 18.27 -12.19 -1.17
C LEU C 280 18.79 -12.20 0.24
N ALA C 281 20.04 -11.81 0.44
CA ALA C 281 20.53 -11.59 1.78
C ALA C 281 19.83 -10.38 2.43
N LYS C 282 19.93 -10.27 3.75
CA LYS C 282 19.31 -9.18 4.49
C LYS C 282 19.52 -7.74 3.95
N SER C 283 20.75 -7.35 3.70
CA SER C 283 20.99 -5.97 3.26
C SER C 283 20.54 -5.81 1.81
N GLN C 284 20.44 -6.93 1.10
CA GLN C 284 19.92 -6.94 -0.28
C GLN C 284 18.40 -6.71 -0.26
N VAL C 285 17.70 -7.36 0.68
CA VAL C 285 16.25 -7.13 0.88
C VAL C 285 16.00 -5.65 1.17
N SER C 286 16.73 -5.11 2.14
CA SER C 286 16.73 -3.66 2.40
C SER C 286 16.96 -2.79 1.16
N SER C 287 18.02 -3.08 0.39
CA SER C 287 18.33 -2.29 -0.81
C SER C 287 17.16 -2.36 -1.82
N VAL C 288 16.67 -3.56 -2.04
CA VAL C 288 15.57 -3.74 -3.00
C VAL C 288 14.31 -2.99 -2.52
N ARG C 289 14.03 -3.08 -1.23
CA ARG C 289 12.84 -2.41 -0.71
C ARG C 289 12.93 -0.91 -0.82
N LYS C 290 14.12 -0.35 -0.57
CA LYS C 290 14.33 1.09 -0.77
C LYS C 290 14.03 1.53 -2.19
N ASN C 291 14.44 0.71 -3.14
CA ASN C 291 14.20 1.01 -4.54
C ASN C 291 12.72 0.83 -4.94
N LEU C 292 12.07 -0.16 -4.36
CA LEU C 292 10.63 -0.34 -4.62
C LEU C 292 9.90 0.94 -4.21
N LYS C 293 10.22 1.40 -3.01
CA LYS C 293 9.62 2.65 -2.50
C LYS C 293 9.87 3.80 -3.48
N LEU C 294 11.14 3.97 -3.87
CA LEU C 294 11.58 5.02 -4.80
C LEU C 294 10.78 4.98 -6.09
N HIS C 295 10.69 3.81 -6.70
CA HIS C 295 10.02 3.72 -7.97
C HIS C 295 8.49 3.86 -7.90
N LEU C 296 7.89 3.39 -6.80
CA LEU C 296 6.46 3.58 -6.56
C LEU C 296 6.14 5.05 -6.44
N LEU C 297 6.95 5.79 -5.69
CA LEU C 297 6.80 7.23 -5.57
C LEU C 297 6.90 7.94 -6.91
N SER C 298 7.83 7.48 -7.75
CA SER C 298 8.00 8.12 -9.04
C SER C 298 6.83 7.80 -10.01
N VAL C 299 6.28 6.58 -9.90
CA VAL C 299 5.05 6.22 -10.65
C VAL C 299 3.81 6.98 -10.12
N LEU C 300 3.68 7.12 -8.80
CA LEU C 300 2.55 7.85 -8.19
C LEU C 300 2.44 9.26 -8.77
N LYS C 301 3.58 9.87 -9.02
CA LYS C 301 3.63 11.25 -9.52
C LYS C 301 3.06 11.43 -10.93
N HIS C 302 3.05 10.38 -11.73
CA HIS C 302 2.48 10.42 -13.06
C HIS C 302 0.95 10.47 -13.01
N PRO C 303 0.32 11.40 -13.77
CA PRO C 303 -1.16 11.52 -13.71
C PRO C 303 -1.90 10.20 -14.02
N ALA C 304 -1.32 9.32 -14.83
CA ALA C 304 -1.99 8.05 -15.10
C ALA C 304 -2.00 7.08 -13.91
N SER C 305 -1.30 7.38 -12.83
CA SER C 305 -1.36 6.54 -11.62
C SER C 305 -2.71 6.64 -10.87
N LEU C 306 -3.51 7.65 -11.21
CA LEU C 306 -4.79 7.90 -10.54
C LEU C 306 -5.59 6.62 -10.29
N GLU C 307 -5.85 5.86 -11.36
CA GLU C 307 -6.66 4.64 -11.27
C GLU C 307 -6.07 3.55 -10.35
N PHE C 308 -4.80 3.68 -10.00
CA PHE C 308 -4.08 2.68 -9.20
C PHE C 308 -3.56 3.24 -7.85
N GLN C 309 -4.04 4.44 -7.51
CA GLN C 309 -3.60 5.17 -6.32
C GLN C 309 -3.67 4.33 -5.07
N ALA C 310 -4.78 3.60 -4.92
CA ALA C 310 -5.03 2.79 -3.76
C ALA C 310 -3.97 1.70 -3.63
N GLN C 311 -3.77 0.95 -4.70
CA GLN C 311 -2.75 -0.11 -4.74
C GLN C 311 -1.34 0.44 -4.49
N ILE C 312 -1.02 1.57 -5.12
CA ILE C 312 0.34 2.12 -4.98
C ILE C 312 0.60 2.58 -3.57
N THR C 313 -0.38 3.30 -3.06
CA THR C 313 -0.25 3.99 -1.82
C THR C 313 -0.35 2.95 -0.70
N THR C 314 -1.10 1.84 -0.93
CA THR C 314 -1.10 0.74 0.04
C THR C 314 0.29 0.13 0.19
N LEU C 315 0.92 -0.15 -0.95
CA LEU C 315 2.33 -0.57 -0.93
C LEU C 315 3.25 0.42 -0.23
N LEU C 316 3.08 1.71 -0.53
CA LEU C 316 3.94 2.74 0.09
C LEU C 316 3.83 2.76 1.61
N VAL C 317 2.60 2.74 2.11
CA VAL C 317 2.37 2.68 3.55
C VAL C 317 2.99 1.44 4.17
N ASP C 318 2.81 0.30 3.51
CA ASP C 318 3.35 -0.95 4.04
C ASP C 318 4.88 -0.95 4.12
N LEU C 319 5.50 -0.13 3.28
CA LEU C 319 6.96 0.03 3.24
C LEU C 319 7.44 1.12 4.19
N GLY C 320 6.51 1.71 4.94
CA GLY C 320 6.87 2.69 5.96
C GLY C 320 7.09 4.10 5.43
N THR C 321 6.47 4.43 4.31
CA THR C 321 6.69 5.74 3.70
C THR C 321 5.92 6.76 4.53
N PRO C 322 6.59 7.81 5.06
CA PRO C 322 5.81 8.74 5.89
C PRO C 322 4.66 9.31 5.07
N GLN C 323 3.55 9.59 5.73
CA GLN C 323 2.37 10.01 5.02
C GLN C 323 2.60 11.28 4.23
N ALA C 324 3.44 12.17 4.77
CA ALA C 324 3.78 13.43 4.11
C ALA C 324 4.54 13.22 2.77
N GLU C 325 5.44 12.24 2.72
CA GLU C 325 6.18 11.97 1.48
C GLU C 325 5.25 11.42 0.40
N ILE C 326 4.29 10.58 0.81
CA ILE C 326 3.26 10.12 -0.10
C ILE C 326 2.53 11.33 -0.71
N ALA C 327 2.13 12.27 0.13
CA ALA C 327 1.43 13.48 -0.35
C ALA C 327 2.27 14.33 -1.29
N ARG C 328 3.56 14.46 -1.01
CA ARG C 328 4.48 15.21 -1.86
C ARG C 328 4.63 14.61 -3.27
N ASN C 329 4.35 13.31 -3.40
CA ASN C 329 4.53 12.63 -4.68
C ASN C 329 3.22 12.36 -5.43
N MET C 330 2.19 13.13 -5.08
CA MET C 330 0.91 13.12 -5.83
C MET C 330 1.08 13.89 -7.14
N PRO C 331 0.32 13.53 -8.19
CA PRO C 331 0.48 14.18 -9.50
C PRO C 331 0.25 15.70 -9.50
N PRO D 25 41.10 -1.02 -13.42
CA PRO D 25 41.23 0.29 -12.75
C PRO D 25 39.90 0.99 -12.46
N LEU D 26 39.50 0.79 -11.23
CA LEU D 26 38.24 1.27 -10.64
C LEU D 26 38.22 2.78 -10.43
N ARG D 27 37.32 3.47 -11.14
CA ARG D 27 37.05 4.89 -10.86
C ARG D 27 36.06 5.01 -9.67
N VAL D 28 36.54 5.58 -8.57
CA VAL D 28 35.76 5.64 -7.32
C VAL D 28 35.38 7.05 -6.94
N ALA D 29 34.16 7.22 -6.42
CA ALA D 29 33.75 8.47 -5.76
C ALA D 29 33.34 8.12 -4.34
N VAL D 30 33.77 8.93 -3.38
CA VAL D 30 33.33 8.76 -2.00
C VAL D 30 32.53 9.99 -1.59
N VAL D 31 31.38 9.76 -0.95
CA VAL D 31 30.43 10.86 -0.75
C VAL D 31 29.99 10.97 0.70
N SER D 32 30.11 12.16 1.27
CA SER D 32 29.66 12.38 2.66
C SER D 32 28.61 13.50 2.60
N SER D 33 28.27 14.14 3.72
CA SER D 33 27.28 15.20 3.59
C SER D 33 27.92 16.57 3.24
N SER D 34 28.96 16.97 3.98
CA SER D 34 29.64 18.25 3.66
C SER D 34 30.99 18.19 2.88
N ASN D 35 31.44 16.99 2.51
CA ASN D 35 32.77 16.81 1.90
C ASN D 35 33.88 17.43 2.72
N GLN D 36 33.85 17.18 4.03
CA GLN D 36 34.81 17.74 4.98
C GLN D 36 35.60 16.69 5.74
N ASN D 37 34.89 15.67 6.19
CA ASN D 37 35.43 14.73 7.17
C ASN D 37 35.54 13.32 6.63
N ARG D 38 34.42 12.62 6.57
CA ARG D 38 34.47 11.19 6.23
C ARG D 38 34.91 10.92 4.78
N SER D 39 34.32 11.66 3.83
CA SER D 39 34.73 11.49 2.44
C SER D 39 36.19 11.94 2.18
N MET D 40 36.68 12.93 2.92
CA MET D 40 38.05 13.43 2.72
C MET D 40 39.14 12.53 3.32
N GLU D 41 38.81 11.91 4.44
CA GLU D 41 39.67 10.90 5.02
C GLU D 41 39.82 9.68 4.04
N ALA D 42 38.71 9.27 3.44
CA ALA D 42 38.75 8.20 2.44
C ALA D 42 39.47 8.69 1.19
N HIS D 43 39.12 9.89 0.71
CA HIS D 43 39.83 10.47 -0.46
C HIS D 43 41.36 10.39 -0.27
N ASN D 44 41.83 10.86 0.88
CA ASN D 44 43.27 10.85 1.19
C ASN D 44 43.90 9.46 1.12
N ILE D 45 43.30 8.48 1.82
CA ILE D 45 43.88 7.11 1.85
C ILE D 45 43.81 6.49 0.45
N LEU D 46 42.67 6.60 -0.22
CA LEU D 46 42.52 6.00 -1.55
C LEU D 46 43.49 6.59 -2.58
N SER D 47 43.61 7.93 -2.59
CA SER D 47 44.52 8.61 -3.52
C SER D 47 45.95 8.16 -3.23
N LYS D 48 46.37 8.16 -1.95
CA LYS D 48 47.70 7.66 -1.56
C LYS D 48 48.00 6.23 -1.97
N ARG D 49 46.97 5.39 -2.03
CA ARG D 49 47.18 3.99 -2.36
C ARG D 49 46.84 3.67 -3.81
N GLY D 50 46.83 4.72 -4.64
CA GLY D 50 46.89 4.52 -6.07
C GLY D 50 45.59 4.57 -6.83
N PHE D 51 44.47 4.82 -6.14
CA PHE D 51 43.13 4.84 -6.80
C PHE D 51 42.85 6.14 -7.52
N SER D 52 42.14 6.05 -8.62
CA SER D 52 41.47 7.21 -9.18
C SER D 52 40.22 7.54 -8.33
N VAL D 53 40.26 8.64 -7.58
CA VAL D 53 39.22 8.91 -6.59
C VAL D 53 38.82 10.36 -6.63
N ARG D 54 37.53 10.63 -6.52
CA ARG D 54 36.99 11.99 -6.34
C ARG D 54 36.07 11.94 -5.12
N SER D 55 35.81 13.09 -4.49
CA SER D 55 34.95 13.10 -3.33
C SER D 55 33.96 14.25 -3.38
N PHE D 56 32.82 14.05 -2.71
CA PHE D 56 31.69 14.99 -2.81
C PHE D 56 30.94 14.99 -1.49
N GLY D 57 30.11 16.02 -1.35
CA GLY D 57 29.10 16.06 -0.30
C GLY D 57 27.75 16.19 -0.99
N THR D 58 26.70 15.70 -0.36
CA THR D 58 25.33 15.83 -0.88
C THR D 58 24.49 16.87 -0.13
N GLY D 59 25.05 17.45 0.93
CA GLY D 59 24.40 18.59 1.63
C GLY D 59 24.11 19.78 0.71
N THR D 60 23.19 20.63 1.13
CA THR D 60 22.88 21.84 0.36
C THR D 60 24.03 22.85 0.55
N HIS D 61 24.60 22.87 1.76
CA HIS D 61 25.68 23.75 2.14
C HIS D 61 26.73 22.97 2.91
N VAL D 62 27.90 23.56 3.06
CA VAL D 62 28.97 22.99 3.90
C VAL D 62 28.69 23.41 5.34
N LYS D 63 28.63 22.43 6.22
CA LYS D 63 28.35 22.74 7.63
C LYS D 63 29.46 22.17 8.52
N LEU D 64 30.11 23.09 9.23
CA LEU D 64 31.17 22.80 10.18
C LEU D 64 30.67 23.06 11.60
N PRO D 65 31.10 22.24 12.59
CA PRO D 65 30.57 22.50 13.93
C PRO D 65 31.06 23.85 14.50
N GLY D 66 30.18 24.49 15.26
CA GLY D 66 30.48 25.78 15.90
C GLY D 66 30.67 25.64 17.41
N PRO D 67 30.54 26.77 18.14
CA PRO D 67 30.71 26.76 19.60
C PRO D 67 29.52 26.13 20.35
N ALA D 68 28.39 25.97 19.65
CA ALA D 68 27.23 25.29 20.19
C ALA D 68 26.56 24.51 19.05
N PRO D 69 25.72 23.49 19.38
CA PRO D 69 24.97 22.73 18.37
C PRO D 69 24.15 23.60 17.42
N ASP D 70 23.64 24.72 17.90
CA ASP D 70 22.83 25.62 17.06
C ASP D 70 23.63 26.79 16.48
N LYS D 71 24.95 26.77 16.58
CA LYS D 71 25.77 27.80 15.94
C LYS D 71 26.73 27.24 14.89
N PRO D 72 26.22 26.42 13.94
CA PRO D 72 27.14 25.82 12.99
C PRO D 72 27.76 26.86 12.07
N ASN D 73 28.94 26.56 11.55
CA ASN D 73 29.59 27.39 10.56
C ASN D 73 29.17 26.92 9.19
N VAL D 74 28.39 27.78 8.52
CA VAL D 74 27.75 27.44 7.26
C VAL D 74 28.38 28.21 6.08
N TYR D 75 28.79 27.46 5.04
CA TYR D 75 29.39 28.03 3.86
C TYR D 75 28.74 27.48 2.62
N ASP D 76 28.71 28.30 1.58
CA ASP D 76 28.39 27.82 0.25
C ASP D 76 29.52 26.93 -0.26
N PHE D 77 29.21 25.93 -1.07
CA PHE D 77 30.25 25.04 -1.63
C PHE D 77 31.33 25.71 -2.49
N LYS D 78 31.11 26.95 -2.93
CA LYS D 78 32.11 27.68 -3.70
C LYS D 78 33.32 28.11 -2.85
N THR D 79 33.13 28.11 -1.53
CA THR D 79 34.18 28.52 -0.60
C THR D 79 35.30 27.49 -0.51
N THR D 80 36.55 27.95 -0.57
CA THR D 80 37.70 27.05 -0.50
C THR D 80 37.94 26.60 0.93
N TYR D 81 38.60 25.47 1.11
CA TYR D 81 39.00 25.06 2.45
C TYR D 81 39.88 26.16 3.07
N ASP D 82 40.73 26.76 2.25
CA ASP D 82 41.64 27.80 2.75
C ASP D 82 40.87 29.00 3.32
N GLN D 83 39.86 29.48 2.59
CA GLN D 83 38.98 30.54 3.13
C GLN D 83 38.33 30.15 4.48
N MET D 84 37.78 28.93 4.54
CA MET D 84 37.23 28.38 5.80
C MET D 84 38.24 28.37 6.95
N TYR D 85 39.45 27.90 6.64
CA TYR D 85 40.52 27.86 7.60
C TYR D 85 40.77 29.26 8.18
N ASN D 86 40.98 30.24 7.30
CA ASN D 86 41.22 31.64 7.72
C ASN D 86 40.05 32.24 8.50
N ASP D 87 38.82 31.97 8.07
CA ASP D 87 37.59 32.40 8.76
C ASP D 87 37.60 31.90 10.21
N LEU D 88 37.82 30.61 10.39
CA LEU D 88 37.79 30.04 11.73
C LEU D 88 38.97 30.47 12.61
N LEU D 89 40.16 30.56 12.01
CA LEU D 89 41.38 30.95 12.72
C LEU D 89 41.24 32.38 13.28
N ARG D 90 40.56 33.24 12.53
CA ARG D 90 40.23 34.60 12.92
C ARG D 90 39.09 34.64 13.94
N LYS D 91 38.18 33.66 13.90
CA LYS D 91 37.02 33.64 14.78
C LYS D 91 37.41 33.24 16.20
N ASP D 92 38.06 32.09 16.34
CA ASP D 92 38.42 31.53 17.64
C ASP D 92 39.44 30.40 17.46
N LYS D 93 40.69 30.79 17.29
CA LYS D 93 41.78 29.84 17.05
C LYS D 93 41.80 28.72 18.10
N GLU D 94 41.56 29.09 19.36
CA GLU D 94 41.53 28.14 20.49
C GLU D 94 40.60 26.97 20.20
N LEU D 95 39.33 27.30 19.97
CA LEU D 95 38.24 26.31 19.81
C LEU D 95 38.49 25.41 18.61
N TYR D 96 38.95 25.99 17.52
CA TYR D 96 39.03 25.26 16.27
C TYR D 96 40.33 24.48 16.09
N THR D 97 41.34 24.87 16.87
CA THR D 97 42.55 24.08 17.06
C THR D 97 42.20 22.89 17.94
N GLN D 98 41.37 23.19 18.95
CA GLN D 98 40.99 22.26 20.01
C GLN D 98 40.13 21.13 19.51
N ASN D 99 39.10 21.45 18.71
CA ASN D 99 38.21 20.43 18.15
C ASN D 99 38.73 19.74 16.87
N GLY D 100 39.93 20.13 16.43
CA GLY D 100 40.60 19.49 15.28
C GLY D 100 40.12 19.93 13.90
N ILE D 101 39.28 20.98 13.87
CA ILE D 101 38.73 21.48 12.62
C ILE D 101 39.78 22.18 11.77
N LEU D 102 40.64 23.01 12.38
CA LEU D 102 41.72 23.67 11.63
C LEU D 102 42.64 22.65 10.95
N HIS D 103 43.02 21.61 11.70
CA HIS D 103 43.80 20.48 11.18
C HIS D 103 43.09 19.81 9.99
N MET D 104 41.80 19.51 10.15
CA MET D 104 41.00 18.91 9.08
C MET D 104 41.04 19.75 7.80
N LEU D 105 40.79 21.06 7.93
CA LEU D 105 40.77 21.97 6.80
C LEU D 105 42.12 22.06 6.12
N ASP D 106 43.17 22.08 6.95
CA ASP D 106 44.52 22.09 6.42
C ASP D 106 44.78 20.83 5.62
N ARG D 107 44.49 19.67 6.21
CA ARG D 107 44.49 18.39 5.50
C ARG D 107 43.73 18.48 4.17
N ASN D 108 42.52 19.03 4.24
CA ASN D 108 41.63 19.11 3.07
C ASN D 108 42.22 19.95 1.98
N LYS D 109 42.83 21.08 2.38
CA LYS D 109 43.37 22.06 1.42
C LYS D 109 44.50 21.40 0.63
N ARG D 110 45.25 20.51 1.27
CA ARG D 110 46.34 19.79 0.59
C ARG D 110 45.82 18.83 -0.49
N ILE D 111 44.58 18.36 -0.33
CA ILE D 111 43.97 17.49 -1.34
C ILE D 111 43.36 18.24 -2.56
N LYS D 112 42.53 19.24 -2.28
CA LYS D 112 41.55 19.77 -3.25
C LYS D 112 41.38 21.21 -2.80
N PRO D 113 41.14 22.17 -3.73
CA PRO D 113 40.91 23.55 -3.25
C PRO D 113 39.59 23.76 -2.50
N ARG D 114 38.57 22.98 -2.85
CA ARG D 114 37.22 23.26 -2.36
C ARG D 114 36.34 22.02 -2.22
N PRO D 115 35.39 22.04 -1.27
CA PRO D 115 34.48 20.92 -1.20
C PRO D 115 33.61 20.93 -2.46
N GLU D 116 33.14 19.76 -2.87
CA GLU D 116 32.36 19.65 -4.13
C GLU D 116 31.01 19.00 -3.90
N ARG D 117 29.97 19.58 -4.49
CA ARG D 117 28.63 19.11 -4.24
C ARG D 117 28.33 18.05 -5.28
N PHE D 118 27.90 16.86 -4.82
CA PHE D 118 27.62 15.73 -5.70
C PHE D 118 26.62 16.08 -6.82
N GLN D 119 25.56 16.82 -6.46
CA GLN D 119 24.46 17.08 -7.39
C GLN D 119 24.78 18.08 -8.47
N ASN D 120 25.92 18.77 -8.33
CA ASN D 120 26.33 19.76 -9.33
C ASN D 120 27.43 19.25 -10.19
N CYS D 121 27.81 17.99 -10.03
CA CYS D 121 28.90 17.43 -10.84
C CYS D 121 28.40 16.35 -11.81
N LYS D 122 29.11 16.18 -12.93
CA LYS D 122 28.63 15.28 -14.00
C LYS D 122 29.68 14.27 -14.50
N ASP D 123 30.56 13.84 -13.60
CA ASP D 123 31.59 12.86 -13.89
C ASP D 123 31.07 11.42 -13.83
N LEU D 124 31.82 10.47 -14.38
CA LEU D 124 31.36 9.08 -14.37
C LEU D 124 32.24 8.21 -13.49
N PHE D 125 31.61 7.33 -12.70
CA PHE D 125 32.33 6.41 -11.81
C PHE D 125 31.95 4.96 -12.05
N ASP D 126 32.81 4.04 -11.58
CA ASP D 126 32.50 2.65 -11.58
C ASP D 126 31.77 2.31 -10.28
N LEU D 127 32.20 2.95 -9.21
CA LEU D 127 31.70 2.65 -7.85
C LEU D 127 31.60 3.96 -7.07
N ILE D 128 30.43 4.20 -6.50
CA ILE D 128 30.21 5.33 -5.62
C ILE D 128 29.98 4.75 -4.21
N LEU D 129 30.78 5.20 -3.24
CA LEU D 129 30.64 4.78 -1.84
C LEU D 129 30.09 5.93 -1.02
N THR D 130 29.05 5.67 -0.24
CA THR D 130 28.48 6.73 0.58
C THR D 130 28.78 6.47 2.04
N CYS D 131 28.84 7.56 2.85
CA CYS D 131 29.28 7.42 4.25
C CYS D 131 28.16 7.34 5.27
N GLU D 132 26.91 7.39 4.80
CA GLU D 132 25.79 7.05 5.63
C GLU D 132 24.51 6.94 4.81
N GLU D 133 23.51 6.26 5.37
CA GLU D 133 22.32 5.95 4.58
C GLU D 133 21.57 7.19 4.03
N ARG D 134 21.56 8.26 4.80
CA ARG D 134 20.99 9.51 4.29
C ARG D 134 21.71 10.03 3.03
N VAL D 135 23.04 9.96 3.03
CA VAL D 135 23.80 10.34 1.86
C VAL D 135 23.55 9.36 0.69
N TYR D 136 23.49 8.06 0.97
CA TYR D 136 23.09 7.08 -0.07
C TYR D 136 21.76 7.52 -0.71
N ASP D 137 20.78 7.86 0.14
CA ASP D 137 19.46 8.19 -0.37
C ASP D 137 19.53 9.43 -1.25
N GLN D 138 20.33 10.40 -0.84
CA GLN D 138 20.53 11.62 -1.68
C GLN D 138 21.23 11.33 -3.02
N VAL D 139 22.26 10.49 -3.00
CA VAL D 139 22.93 10.11 -4.26
C VAL D 139 21.95 9.39 -5.21
N VAL D 140 21.22 8.42 -4.68
CA VAL D 140 20.30 7.62 -5.48
C VAL D 140 19.17 8.47 -6.08
N GLU D 141 18.58 9.35 -5.26
CA GLU D 141 17.49 10.17 -5.75
C GLU D 141 18.01 11.16 -6.81
N ASP D 142 19.19 11.74 -6.59
CA ASP D 142 19.85 12.57 -7.62
C ASP D 142 20.06 11.80 -8.93
N LEU D 143 20.78 10.67 -8.91
CA LEU D 143 21.08 9.95 -10.16
C LEU D 143 19.80 9.43 -10.82
N ASN D 144 18.87 8.88 -10.02
CA ASN D 144 17.57 8.40 -10.55
C ASN D 144 16.73 9.47 -11.25
N SER D 145 16.91 10.72 -10.84
CA SER D 145 16.24 11.85 -11.47
C SER D 145 16.97 12.49 -12.67
N ARG D 146 18.20 12.08 -12.94
CA ARG D 146 18.89 12.57 -14.13
C ARG D 146 18.38 11.75 -15.30
N GLU D 147 18.27 12.34 -16.48
CA GLU D 147 17.85 11.59 -17.66
C GLU D 147 18.96 10.61 -18.10
N GLN D 148 18.62 9.36 -18.31
CA GLN D 148 19.63 8.40 -18.77
C GLN D 148 20.00 8.70 -20.23
N GLU D 149 21.29 8.64 -20.54
CA GLU D 149 21.79 8.90 -21.90
C GLU D 149 22.36 7.61 -22.47
N THR D 150 23.09 6.92 -21.62
CA THR D 150 23.94 5.84 -22.06
C THR D 150 23.43 4.46 -21.50
N CYS D 151 22.70 4.51 -20.39
CA CYS D 151 22.31 3.31 -19.64
C CYS D 151 23.49 2.52 -19.00
N GLN D 152 24.69 3.12 -18.98
CA GLN D 152 25.84 2.53 -18.25
C GLN D 152 25.57 2.53 -16.72
N PRO D 153 25.60 1.33 -16.07
CA PRO D 153 25.39 1.29 -14.62
C PRO D 153 26.57 1.85 -13.85
N VAL D 154 26.25 2.44 -12.70
CA VAL D 154 27.23 2.75 -11.68
C VAL D 154 26.75 2.09 -10.38
N HIS D 155 27.64 1.36 -9.73
CA HIS D 155 27.32 0.68 -8.47
C HIS D 155 27.47 1.67 -7.32
N VAL D 156 26.47 1.66 -6.44
CA VAL D 156 26.49 2.57 -5.30
C VAL D 156 26.40 1.71 -4.04
N VAL D 157 27.33 1.93 -3.10
CA VAL D 157 27.41 1.10 -1.90
C VAL D 157 27.50 2.02 -0.70
N ASN D 158 26.73 1.70 0.34
CA ASN D 158 26.76 2.51 1.55
C ASN D 158 27.50 1.81 2.66
N VAL D 159 28.32 2.57 3.38
CA VAL D 159 28.98 2.15 4.60
C VAL D 159 28.57 3.17 5.65
N ASP D 160 27.89 2.77 6.73
CA ASP D 160 27.48 3.78 7.73
C ASP D 160 28.73 4.17 8.55
N ILE D 161 29.19 5.41 8.41
CA ILE D 161 30.37 5.84 9.13
C ILE D 161 30.01 6.95 10.08
N GLN D 162 30.34 6.76 11.37
CA GLN D 162 30.07 7.77 12.39
C GLN D 162 30.85 9.04 12.11
N ASP D 163 30.16 10.17 12.27
CA ASP D 163 30.71 11.45 11.86
C ASP D 163 31.61 12.05 12.96
N ASN D 164 32.80 11.47 13.09
CA ASN D 164 33.83 11.95 14.00
C ASN D 164 35.18 11.43 13.47
N HIS D 165 36.28 11.86 14.11
CA HIS D 165 37.61 11.71 13.49
C HIS D 165 38.18 10.28 13.41
N GLU D 166 38.11 9.52 14.51
CA GLU D 166 38.68 8.18 14.54
C GLU D 166 37.76 7.22 13.77
N GLU D 167 36.46 7.39 13.94
CA GLU D 167 35.53 6.62 13.14
C GLU D 167 35.63 6.93 11.65
N ALA D 168 35.85 8.20 11.31
CA ALA D 168 36.14 8.54 9.92
C ALA D 168 37.39 7.83 9.41
N THR D 169 38.41 7.76 10.26
CA THR D 169 39.68 7.11 9.88
C THR D 169 39.45 5.61 9.70
N LEU D 170 38.81 4.99 10.67
CA LEU D 170 38.51 3.56 10.57
C LEU D 170 37.64 3.27 9.35
N GLY D 171 36.64 4.11 9.15
CA GLY D 171 35.78 4.03 7.95
C GLY D 171 36.52 4.12 6.64
N ALA D 172 37.47 5.05 6.57
CA ALA D 172 38.27 5.20 5.37
C ALA D 172 39.12 3.94 5.11
N PHE D 173 39.64 3.32 6.15
CA PHE D 173 40.48 2.15 5.90
C PHE D 173 39.60 1.00 5.52
N LEU D 174 38.39 0.97 6.04
CA LEU D 174 37.41 -0.04 5.62
C LEU D 174 37.03 0.10 4.14
N ILE D 175 36.72 1.33 3.73
CA ILE D 175 36.52 1.67 2.33
C ILE D 175 37.71 1.26 1.45
N CYS D 176 38.91 1.49 1.96
CA CYS D 176 40.12 1.16 1.21
C CYS D 176 40.19 -0.35 1.02
N GLU D 177 39.98 -1.10 2.12
CA GLU D 177 40.03 -2.57 2.04
C GLU D 177 38.96 -3.11 1.06
N LEU D 178 37.76 -2.55 1.12
CA LEU D 178 36.70 -2.89 0.17
C LEU D 178 37.02 -2.58 -1.31
N CYS D 179 37.51 -1.39 -1.60
CA CYS D 179 37.90 -1.03 -2.96
C CYS D 179 39.05 -1.90 -3.48
N GLN D 180 40.04 -2.18 -2.63
CA GLN D 180 41.12 -3.08 -3.02
C GLN D 180 40.64 -4.48 -3.33
N CYS D 181 39.75 -4.97 -2.50
CA CYS D 181 39.19 -6.30 -2.70
C CYS D 181 38.41 -6.37 -4.02
N ILE D 182 37.55 -5.39 -4.27
CA ILE D 182 36.73 -5.37 -5.49
C ILE D 182 37.63 -5.20 -6.71
N GLN D 183 38.64 -4.38 -6.58
CA GLN D 183 39.55 -4.20 -7.68
C GLN D 183 40.32 -5.47 -8.08
N HIS D 184 40.61 -6.34 -7.12
CA HIS D 184 41.24 -7.63 -7.43
C HIS D 184 40.32 -8.67 -8.11
N THR D 185 38.99 -8.46 -8.15
CA THR D 185 38.12 -9.50 -8.74
C THR D 185 38.11 -9.36 -10.25
N GLU D 186 38.01 -10.50 -10.91
CA GLU D 186 38.08 -10.50 -12.36
C GLU D 186 36.83 -9.84 -12.97
N ASP D 187 35.69 -10.06 -12.33
CA ASP D 187 34.43 -9.58 -12.90
C ASP D 187 33.70 -8.82 -11.83
N MET D 188 33.90 -7.51 -11.78
CA MET D 188 33.32 -6.73 -10.69
C MET D 188 31.77 -6.92 -10.53
N GLU D 189 31.02 -6.80 -11.62
CA GLU D 189 29.55 -6.83 -11.48
C GLU D 189 29.06 -8.19 -11.04
N ASN D 190 29.74 -9.25 -11.49
CA ASN D 190 29.32 -10.61 -11.14
C ASN D 190 29.70 -11.03 -9.69
N GLU D 191 30.79 -10.48 -9.17
CA GLU D 191 31.30 -10.88 -7.87
C GLU D 191 31.03 -9.87 -6.76
N ILE D 192 30.66 -8.62 -7.10
CA ILE D 192 30.57 -7.57 -6.08
C ILE D 192 29.66 -7.91 -4.88
N ASP D 193 28.46 -8.43 -5.15
CA ASP D 193 27.57 -8.84 -4.06
C ASP D 193 28.12 -9.93 -3.13
N GLU D 194 28.67 -10.99 -3.69
CA GLU D 194 29.41 -11.98 -2.88
C GLU D 194 30.52 -11.35 -2.03
N LEU D 195 31.24 -10.37 -2.59
CA LEU D 195 32.31 -9.75 -1.82
C LEU D 195 31.76 -8.87 -0.71
N LEU D 196 30.67 -8.17 -0.98
CA LEU D 196 30.04 -7.35 0.03
C LEU D 196 29.50 -8.21 1.17
N GLN D 197 28.88 -9.35 0.81
CA GLN D 197 28.39 -10.29 1.83
C GLN D 197 29.52 -10.82 2.72
N GLU D 198 30.62 -11.27 2.12
CA GLU D 198 31.86 -11.63 2.86
C GLU D 198 32.35 -10.52 3.78
N PHE D 199 32.43 -9.31 3.25
CA PHE D 199 32.90 -8.17 4.02
C PHE D 199 31.95 -7.77 5.17
N GLU D 200 30.64 -7.92 4.95
CA GLU D 200 29.65 -7.71 6.02
C GLU D 200 29.90 -8.71 7.14
N GLU D 201 30.08 -9.97 6.76
CA GLU D 201 30.34 -11.00 7.76
C GLU D 201 31.65 -10.76 8.52
N LYS D 202 32.70 -10.34 7.81
CA LYS D 202 34.01 -10.09 8.44
C LYS D 202 34.02 -8.84 9.32
N SER D 203 33.33 -7.79 8.88
CA SER D 203 33.39 -6.50 9.56
C SER D 203 32.27 -6.23 10.57
N GLY D 204 31.24 -7.08 10.60
CA GLY D 204 30.01 -6.81 11.36
C GLY D 204 29.18 -5.58 10.98
N ARG D 205 29.43 -5.01 9.79
CA ARG D 205 28.73 -3.81 9.29
C ARG D 205 27.92 -4.15 8.04
N THR D 206 26.81 -3.46 7.81
CA THR D 206 25.95 -3.75 6.64
C THR D 206 26.21 -2.78 5.46
N PHE D 207 26.27 -3.34 4.26
CA PHE D 207 26.51 -2.54 3.06
C PHE D 207 25.34 -2.61 2.09
N LEU D 208 24.47 -1.60 2.13
CA LEU D 208 23.43 -1.42 1.09
C LEU D 208 24.13 -1.28 -0.27
N HIS D 209 23.52 -1.87 -1.28
CA HIS D 209 24.11 -1.92 -2.60
C HIS D 209 22.99 -1.77 -3.64
N THR D 210 23.13 -0.74 -4.51
CA THR D 210 22.21 -0.57 -5.62
C THR D 210 22.97 -0.22 -6.91
N VAL D 211 22.26 -0.07 -8.03
CA VAL D 211 22.90 0.52 -9.21
C VAL D 211 22.05 1.69 -9.69
N CYS D 212 22.70 2.72 -10.23
CA CYS D 212 21.99 3.76 -10.96
C CYS D 212 22.55 3.75 -12.38
N PHE D 213 21.99 4.56 -13.27
CA PHE D 213 22.31 4.46 -14.67
C PHE D 213 22.60 5.85 -15.20
N TYR D 214 23.72 5.96 -15.92
CA TYR D 214 24.06 7.16 -16.70
C TYR D 214 23.31 7.23 -18.02
N PRO E 4 22.86 17.86 9.93
CA PRO E 4 24.00 17.97 10.87
C PRO E 4 25.25 18.55 10.22
N THR E 5 26.22 18.95 11.05
CA THR E 5 27.51 19.41 10.55
C THR E 5 28.42 18.19 10.30
N PRO E 7 32.48 17.31 10.92
CA PRO E 7 31.88 16.29 11.83
C PRO E 7 30.77 16.87 12.73
N TYR E 9 28.87 18.17 16.01
CA TYR E 9 29.40 19.10 17.05
C TYR E 9 30.09 18.37 18.20
#